data_5ZIK
#
_entry.id   5ZIK
#
_cell.length_a   131.310
_cell.length_b   131.310
_cell.length_c   156.848
_cell.angle_alpha   90.00
_cell.angle_beta   90.00
_cell.angle_gamma   90.00
#
_symmetry.space_group_name_H-M   'P 42 21 2'
#
loop_
_entity.id
_entity.type
_entity.pdbx_description
1 polymer 'Probable 2-dehydropantoate 2-reductase'
2 non-polymer 'SULFATE ION'
3 non-polymer GLYCEROL
4 water water
#
_entity_poly.entity_id   1
_entity_poly.type   'polypeptide(L)'
_entity_poly.pdbx_seq_one_letter_code
;MTWHILGAGSLGSLWAARLGRAGLPVRLILRDRQRLRRYQQAGGLSLVEDGQASLYPIAAETPDGGQPIQRLLLACKAYD
AEEAASSVAHRLAGNAELLLLQNGLGSQQAVAARLPRSRCLFASSTEGAFRDGDFRVVFAGRGHTWLGDPRDTNAPAWLT
QLSQAGIPHSWSDDILERLWRKLALNCAINPLTVLHDCRNGGLRQHPEEIAALCDELGQLLHASGYDAAARSLLEDVRAV
IDATAANYSSMHQDVTRGRRTEIGYLLGYACQHGQRLGLPLPRLGTLLARLQAHLRQRGLPDR
;
_entity_poly.pdbx_strand_id   A,B,C
#
loop_
_chem_comp.id
_chem_comp.type
_chem_comp.name
_chem_comp.formula
GOL non-polymer GLYCEROL 'C3 H8 O3'
SO4 non-polymer 'SULFATE ION' 'O4 S -2'
#
# COMPACT_ATOMS: atom_id res chain seq x y z
N MET A 1 3.34 40.64 -11.06
CA MET A 1 1.92 40.98 -10.91
C MET A 1 1.09 39.71 -10.71
N THR A 2 1.19 38.77 -11.64
CA THR A 2 0.47 37.51 -11.54
C THR A 2 1.13 36.60 -10.50
N TRP A 3 0.31 35.98 -9.67
CA TRP A 3 0.76 34.96 -8.73
C TRP A 3 0.63 33.59 -9.39
N HIS A 4 1.74 33.03 -9.83
CA HIS A 4 1.76 31.66 -10.33
C HIS A 4 1.93 30.71 -9.16
N ILE A 5 1.07 29.69 -9.10
CA ILE A 5 1.07 28.71 -8.02
C ILE A 5 1.49 27.36 -8.58
N LEU A 6 2.52 26.76 -7.99
CA LEU A 6 3.05 25.48 -8.43
C LEU A 6 3.13 24.54 -7.24
N GLY A 7 2.68 23.32 -7.43
CA GLY A 7 2.70 22.34 -6.37
C GLY A 7 1.30 21.99 -5.89
N ALA A 8 1.15 20.77 -5.38
CA ALA A 8 -0.13 20.26 -4.92
C ALA A 8 -0.30 20.34 -3.41
N GLY A 9 0.55 21.12 -2.73
CA GLY A 9 0.44 21.25 -1.29
C GLY A 9 -0.86 21.89 -0.87
N SER A 10 -1.30 21.54 0.34
CA SER A 10 -2.54 22.10 0.88
C SER A 10 -2.43 23.60 1.11
N LEU A 11 -1.24 24.09 1.46
CA LEU A 11 -1.07 25.52 1.68
C LEU A 11 -1.14 26.30 0.39
N GLY A 12 -0.69 25.71 -0.73
CA GLY A 12 -0.76 26.43 -2.00
C GLY A 12 -2.17 26.74 -2.43
N SER A 13 -3.10 25.81 -2.19
CA SER A 13 -4.50 26.07 -2.53
C SER A 13 -5.11 27.09 -1.58
N LEU A 14 -4.73 27.04 -0.29
CA LEU A 14 -5.21 28.04 0.66
C LEU A 14 -4.70 29.43 0.29
N TRP A 15 -3.45 29.54 -0.11
CA TRP A 15 -2.93 30.81 -0.60
C TRP A 15 -3.63 31.23 -1.89
N ALA A 16 -3.81 30.29 -2.83
CA ALA A 16 -4.40 30.64 -4.12
C ALA A 16 -5.84 31.11 -3.95
N ALA A 17 -6.59 30.47 -3.06
CA ALA A 17 -7.98 30.89 -2.82
C ALA A 17 -8.04 32.30 -2.26
N ARG A 18 -7.22 32.60 -1.24
CA ARG A 18 -7.26 33.92 -0.61
C ARG A 18 -6.72 34.99 -1.56
N LEU A 19 -5.67 34.68 -2.32
CA LEU A 19 -5.13 35.67 -3.25
C LEU A 19 -6.11 35.96 -4.37
N GLY A 20 -6.70 34.90 -4.95
CA GLY A 20 -7.61 35.11 -6.07
C GLY A 20 -8.91 35.78 -5.65
N ARG A 21 -9.47 35.38 -4.52
CA ARG A 21 -10.74 35.96 -4.08
C ARG A 21 -10.59 37.41 -3.63
N ALA A 22 -9.37 37.86 -3.37
CA ALA A 22 -9.11 39.24 -2.99
C ALA A 22 -8.88 40.15 -4.19
N GLY A 23 -9.05 39.63 -5.41
CA GLY A 23 -8.93 40.42 -6.62
C GLY A 23 -7.56 40.40 -7.25
N LEU A 24 -6.59 39.69 -6.67
CA LEU A 24 -5.25 39.64 -7.22
C LEU A 24 -5.18 38.61 -8.35
N PRO A 25 -4.39 38.87 -9.39
CA PRO A 25 -4.25 37.90 -10.49
C PRO A 25 -3.52 36.65 -10.02
N VAL A 26 -4.18 35.50 -10.17
CA VAL A 26 -3.65 34.21 -9.74
C VAL A 26 -3.79 33.23 -10.89
N ARG A 27 -2.77 32.37 -11.07
CA ARG A 27 -2.76 31.38 -12.12
C ARG A 27 -2.20 30.08 -11.56
N LEU A 28 -3.02 29.03 -11.54
CA LEU A 28 -2.56 27.72 -11.09
C LEU A 28 -1.73 27.05 -12.17
N ILE A 29 -0.64 26.41 -11.77
CA ILE A 29 0.21 25.64 -12.67
C ILE A 29 0.07 24.18 -12.27
N LEU A 30 -0.77 23.45 -13.00
CA LEU A 30 -1.04 22.06 -12.67
C LEU A 30 0.01 21.16 -13.31
N ARG A 31 0.00 19.89 -12.89
CA ARG A 31 1.06 18.96 -13.25
C ARG A 31 1.07 18.67 -14.74
N ASP A 32 -0.06 18.21 -15.29
CA ASP A 32 -0.13 17.83 -16.70
C ASP A 32 -1.51 18.16 -17.24
N ARG A 33 -1.72 17.88 -18.52
CA ARG A 33 -3.00 18.17 -19.17
C ARG A 33 -4.13 17.34 -18.57
N GLN A 34 -3.84 16.10 -18.17
CA GLN A 34 -4.87 15.28 -17.53
C GLN A 34 -5.35 15.91 -16.24
N ARG A 35 -4.41 16.43 -15.43
CA ARG A 35 -4.80 17.11 -14.21
C ARG A 35 -5.53 18.42 -14.51
N LEU A 36 -5.16 19.11 -15.59
CA LEU A 36 -5.87 20.32 -15.97
C LEU A 36 -7.29 20.01 -16.42
N ARG A 37 -7.48 18.88 -17.10
CA ARG A 37 -8.82 18.50 -17.55
C ARG A 37 -9.74 18.19 -16.38
N ARG A 38 -9.23 17.50 -15.36
CA ARG A 38 -10.05 17.20 -14.20
C ARG A 38 -10.35 18.43 -13.37
N TYR A 39 -9.42 19.39 -13.31
CA TYR A 39 -9.68 20.62 -12.59
C TYR A 39 -10.78 21.43 -13.24
N GLN A 40 -10.78 21.49 -14.58
CA GLN A 40 -11.81 22.23 -15.29
C GLN A 40 -13.18 21.57 -15.14
N GLN A 41 -13.21 20.24 -15.02
CA GLN A 41 -14.49 19.56 -14.76
C GLN A 41 -15.02 19.90 -13.38
N ALA A 42 -14.12 20.00 -12.39
CA ALA A 42 -14.54 20.36 -11.04
C ALA A 42 -15.01 21.81 -10.95
N GLY A 43 -14.58 22.68 -11.87
CA GLY A 43 -15.03 24.04 -11.92
C GLY A 43 -14.18 25.03 -11.15
N GLY A 44 -13.25 24.57 -10.34
CA GLY A 44 -12.37 25.45 -9.62
C GLY A 44 -11.88 24.78 -8.34
N LEU A 45 -11.45 25.61 -7.41
CA LEU A 45 -10.85 25.16 -6.15
C LEU A 45 -11.87 25.29 -5.03
N SER A 46 -12.05 24.22 -4.26
CA SER A 46 -13.01 24.19 -3.16
C SER A 46 -12.28 24.32 -1.84
N LEU A 47 -12.64 25.36 -1.07
CA LEU A 47 -12.08 25.60 0.25
C LEU A 47 -13.16 25.38 1.31
N VAL A 48 -12.82 24.67 2.38
CA VAL A 48 -13.76 24.35 3.44
C VAL A 48 -13.34 25.14 4.68
N GLU A 49 -14.19 26.07 5.10
CA GLU A 49 -13.95 26.89 6.28
C GLU A 49 -15.08 26.62 7.28
N ASP A 50 -14.75 26.02 8.42
CA ASP A 50 -15.70 25.70 9.47
C ASP A 50 -16.90 24.94 8.90
N GLY A 51 -16.60 23.92 8.10
CA GLY A 51 -17.63 23.11 7.48
C GLY A 51 -18.27 23.70 6.25
N GLN A 52 -18.06 24.98 5.96
CA GLN A 52 -18.66 25.61 4.80
C GLN A 52 -17.70 25.53 3.61
N ALA A 53 -18.21 25.01 2.50
CA ALA A 53 -17.42 24.85 1.27
C ALA A 53 -17.77 25.96 0.28
N SER A 54 -16.74 26.55 -0.31
CA SER A 54 -16.89 27.56 -1.34
C SER A 54 -16.04 27.18 -2.54
N LEU A 55 -16.53 27.51 -3.74
CA LEU A 55 -15.85 27.20 -4.98
C LEU A 55 -15.18 28.45 -5.53
N TYR A 56 -13.86 28.40 -5.69
CA TYR A 56 -13.10 29.51 -6.24
C TYR A 56 -12.57 29.13 -7.62
N PRO A 57 -13.18 29.62 -8.71
CA PRO A 57 -12.76 29.23 -10.07
C PRO A 57 -11.50 29.95 -10.53
N ILE A 58 -10.37 29.55 -9.96
CA ILE A 58 -9.08 30.13 -10.30
C ILE A 58 -8.60 29.56 -11.63
N ALA A 59 -8.07 30.42 -12.49
CA ALA A 59 -7.52 29.97 -13.77
C ALA A 59 -6.32 29.06 -13.53
N ALA A 60 -6.14 28.08 -14.42
CA ALA A 60 -5.09 27.08 -14.28
C ALA A 60 -4.45 26.82 -15.64
N GLU A 61 -3.29 26.17 -15.61
CA GLU A 61 -2.51 25.88 -16.81
C GLU A 61 -1.51 24.79 -16.49
N THR A 62 -0.70 24.43 -17.49
CA THR A 62 0.36 23.46 -17.38
C THR A 62 1.72 24.14 -17.52
N PRO A 63 2.80 23.50 -17.07
CA PRO A 63 4.11 24.18 -17.10
C PRO A 63 4.61 24.54 -18.49
N ASP A 64 4.15 23.85 -19.54
CA ASP A 64 4.70 24.11 -20.88
C ASP A 64 4.17 25.40 -21.47
N GLY A 65 2.88 25.68 -21.33
CA GLY A 65 2.30 26.90 -21.85
C GLY A 65 2.24 28.01 -20.81
N GLY A 66 1.65 29.12 -21.21
CA GLY A 66 1.46 30.25 -20.33
C GLY A 66 2.41 31.39 -20.61
N GLN A 67 2.31 32.40 -19.76
CA GLN A 67 3.10 33.62 -19.86
C GLN A 67 4.35 33.50 -19.02
N PRO A 68 5.32 34.41 -19.21
CA PRO A 68 6.51 34.40 -18.35
C PRO A 68 6.13 34.54 -16.88
N ILE A 69 6.85 33.81 -16.03
CA ILE A 69 6.60 33.78 -14.60
C ILE A 69 7.49 34.82 -13.92
N GLN A 70 6.86 35.78 -13.25
CA GLN A 70 7.59 36.79 -12.49
C GLN A 70 7.49 36.59 -10.99
N ARG A 71 6.48 35.85 -10.51
CA ARG A 71 6.31 35.61 -9.08
C ARG A 71 5.68 34.23 -8.93
N LEU A 72 6.39 33.33 -8.28
CA LEU A 72 6.00 31.92 -8.21
C LEU A 72 5.95 31.46 -6.76
N LEU A 73 4.83 30.85 -6.37
CA LEU A 73 4.67 30.24 -5.06
C LEU A 73 4.82 28.73 -5.19
N LEU A 74 5.87 28.19 -4.60
CA LEU A 74 6.16 26.76 -4.65
C LEU A 74 5.65 26.12 -3.36
N ALA A 75 4.61 25.32 -3.46
CA ALA A 75 3.98 24.68 -2.30
C ALA A 75 3.93 23.17 -2.58
N CYS A 76 4.97 22.46 -2.17
CA CYS A 76 5.04 21.01 -2.35
C CYS A 76 5.93 20.43 -1.26
N LYS A 77 6.03 19.10 -1.26
CA LYS A 77 6.94 18.43 -0.35
C LYS A 77 8.38 18.83 -0.65
N ALA A 78 9.22 18.77 0.39
CA ALA A 78 10.61 19.20 0.23
C ALA A 78 11.34 18.35 -0.80
N TYR A 79 11.06 17.04 -0.83
CA TYR A 79 11.71 16.16 -1.80
C TYR A 79 11.19 16.35 -3.22
N ASP A 80 10.20 17.21 -3.43
CA ASP A 80 9.70 17.51 -4.77
C ASP A 80 10.01 18.92 -5.23
N ALA A 81 10.63 19.74 -4.37
CA ALA A 81 10.78 21.17 -4.68
C ALA A 81 11.71 21.39 -5.87
N GLU A 82 12.88 20.74 -5.85
CA GLU A 82 13.83 20.95 -6.93
C GLU A 82 13.29 20.49 -8.28
N GLU A 83 12.64 19.32 -8.30
CA GLU A 83 12.06 18.82 -9.53
C GLU A 83 10.91 19.70 -10.01
N ALA A 84 10.16 20.30 -9.08
CA ALA A 84 9.02 21.15 -9.47
C ALA A 84 9.50 22.48 -10.05
N ALA A 85 10.44 23.14 -9.35
CA ALA A 85 10.93 24.43 -9.82
C ALA A 85 11.62 24.31 -11.18
N SER A 86 12.28 23.18 -11.43
CA SER A 86 12.95 22.98 -12.71
C SER A 86 11.96 22.78 -13.86
N SER A 87 10.73 22.36 -13.57
CA SER A 87 9.74 22.16 -14.62
C SER A 87 9.26 23.47 -15.23
N VAL A 88 9.44 24.59 -14.52
CA VAL A 88 9.05 25.91 -15.03
C VAL A 88 10.24 26.84 -15.16
N ALA A 89 11.47 26.33 -15.06
CA ALA A 89 12.65 27.17 -15.17
C ALA A 89 12.76 27.83 -16.54
N HIS A 90 12.13 27.24 -17.57
CA HIS A 90 12.14 27.82 -18.90
C HIS A 90 11.21 29.01 -19.04
N ARG A 91 10.40 29.32 -18.01
CA ARG A 91 9.47 30.44 -18.05
C ARG A 91 9.84 31.54 -17.07
N LEU A 92 10.90 31.38 -16.29
CA LEU A 92 11.33 32.44 -15.39
C LEU A 92 11.89 33.61 -16.19
N ALA A 93 11.57 34.82 -15.76
CA ALA A 93 11.80 36.01 -16.56
C ALA A 93 13.08 36.76 -16.19
N GLY A 94 13.84 36.28 -15.21
CA GLY A 94 15.04 36.97 -14.81
C GLY A 94 14.82 37.85 -13.60
N ASN A 95 13.72 38.60 -13.61
CA ASN A 95 13.24 39.33 -12.44
C ASN A 95 12.32 38.49 -11.58
N ALA A 96 12.34 37.17 -11.77
CA ALA A 96 11.40 36.30 -11.08
C ALA A 96 11.74 36.16 -9.60
N GLU A 97 10.72 36.06 -8.77
CA GLU A 97 10.87 35.83 -7.34
C GLU A 97 10.12 34.56 -6.97
N LEU A 98 10.75 33.72 -6.16
CA LEU A 98 10.18 32.45 -5.74
C LEU A 98 9.94 32.46 -4.23
N LEU A 99 8.73 32.06 -3.84
CA LEU A 99 8.37 31.93 -2.43
C LEU A 99 8.29 30.45 -2.11
N LEU A 100 9.27 29.95 -1.35
CA LEU A 100 9.44 28.53 -1.12
C LEU A 100 8.71 28.14 0.16
N LEU A 101 7.58 27.44 0.02
CA LEU A 101 6.79 26.98 1.15
C LEU A 101 7.06 25.50 1.42
N GLN A 102 8.30 25.19 1.75
CA GLN A 102 8.71 23.83 2.08
C GLN A 102 9.10 23.72 3.54
N ASN A 103 8.85 22.56 4.12
CA ASN A 103 9.26 22.29 5.49
C ASN A 103 10.75 21.98 5.55
N GLY A 104 11.34 22.22 6.72
CA GLY A 104 12.73 21.89 6.95
C GLY A 104 13.69 22.76 6.13
N LEU A 105 14.91 22.23 5.98
CA LEU A 105 15.97 22.90 5.24
C LEU A 105 16.61 21.92 4.28
N GLY A 106 17.28 22.47 3.26
CA GLY A 106 17.93 21.66 2.26
C GLY A 106 17.37 21.88 0.87
N SER A 107 16.05 21.74 0.73
CA SER A 107 15.44 21.94 -0.57
C SER A 107 15.51 23.39 -1.02
N GLN A 108 15.41 24.34 -0.08
CA GLN A 108 15.47 25.75 -0.44
C GLN A 108 16.81 26.10 -1.07
N GLN A 109 17.90 25.67 -0.45
CA GLN A 109 19.23 25.95 -0.99
C GLN A 109 19.47 25.22 -2.31
N ALA A 110 18.89 24.03 -2.46
CA ALA A 110 19.02 23.30 -3.72
C ALA A 110 18.30 24.02 -4.85
N VAL A 111 17.09 24.53 -4.59
CA VAL A 111 16.37 25.30 -5.60
C VAL A 111 17.11 26.60 -5.89
N ALA A 112 17.62 27.27 -4.85
CA ALA A 112 18.32 28.53 -5.07
C ALA A 112 19.57 28.33 -5.93
N ALA A 113 20.27 27.21 -5.74
CA ALA A 113 21.46 26.95 -6.54
C ALA A 113 21.10 26.53 -7.96
N ARG A 114 20.00 25.81 -8.14
CA ARG A 114 19.59 25.39 -9.48
C ARG A 114 19.12 26.56 -10.31
N LEU A 115 18.56 27.60 -9.68
CA LEU A 115 18.03 28.78 -10.36
C LEU A 115 18.81 30.00 -9.87
N PRO A 116 20.00 30.24 -10.42
CA PRO A 116 20.83 31.35 -9.91
C PRO A 116 20.29 32.72 -10.28
N ARG A 117 19.69 32.88 -11.46
CA ARG A 117 19.22 34.17 -11.90
C ARG A 117 17.87 34.58 -11.32
N SER A 118 17.33 33.78 -10.39
CA SER A 118 16.06 34.08 -9.73
C SER A 118 16.30 34.31 -8.25
N ARG A 119 15.37 35.04 -7.63
CA ARG A 119 15.40 35.30 -6.20
C ARG A 119 14.49 34.30 -5.49
N CYS A 120 15.07 33.53 -4.57
CA CYS A 120 14.34 32.50 -3.84
C CYS A 120 14.17 32.96 -2.40
N LEU A 121 12.95 33.31 -2.02
CA LEU A 121 12.62 33.72 -0.67
C LEU A 121 12.20 32.50 0.15
N PHE A 122 12.61 32.48 1.42
CA PHE A 122 12.29 31.38 2.31
C PHE A 122 11.06 31.71 3.12
N ALA A 123 10.25 30.68 3.41
CA ALA A 123 9.00 30.87 4.13
C ALA A 123 8.85 29.78 5.19
N SER A 124 8.30 30.17 6.33
CA SER A 124 8.00 29.25 7.42
C SER A 124 6.61 29.57 7.94
N SER A 125 5.70 28.61 7.81
CA SER A 125 4.29 28.82 8.10
C SER A 125 3.79 27.89 9.19
N THR A 126 2.81 28.37 9.95
CA THR A 126 2.14 27.57 10.97
C THR A 126 0.68 27.32 10.64
N GLU A 127 0.24 27.66 9.43
CA GLU A 127 -1.15 27.47 9.06
C GLU A 127 -1.43 26.00 8.79
N GLY A 128 -2.57 25.53 9.29
CA GLY A 128 -2.97 24.14 9.13
C GLY A 128 -4.00 23.98 8.02
N ALA A 129 -3.71 23.05 7.12
CA ALA A 129 -4.60 22.77 5.99
C ALA A 129 -4.29 21.37 5.48
N PHE A 130 -5.33 20.63 5.10
CA PHE A 130 -5.17 19.29 4.58
C PHE A 130 -6.16 19.07 3.43
N ARG A 131 -5.80 18.15 2.54
N ARG A 131 -5.81 18.13 2.55
CA ARG A 131 -6.62 17.87 1.37
CA ARG A 131 -6.60 17.85 1.37
C ARG A 131 -7.72 16.88 1.72
C ARG A 131 -7.70 16.84 1.68
N ASP A 132 -8.88 17.05 1.09
CA ASP A 132 -10.03 16.17 1.24
C ASP A 132 -10.58 15.82 -0.14
N GLY A 133 -9.69 15.53 -1.08
CA GLY A 133 -10.05 15.35 -2.46
C GLY A 133 -9.02 15.98 -3.37
N ASP A 134 -9.19 15.85 -4.68
CA ASP A 134 -8.18 16.35 -5.62
C ASP A 134 -8.05 17.87 -5.54
N PHE A 135 -9.17 18.58 -5.46
CA PHE A 135 -9.16 20.04 -5.49
C PHE A 135 -9.98 20.61 -4.34
N ARG A 136 -9.95 19.94 -3.18
CA ARG A 136 -10.68 20.36 -2.00
C ARG A 136 -9.72 20.42 -0.82
N VAL A 137 -9.69 21.56 -0.15
CA VAL A 137 -8.78 21.79 0.98
C VAL A 137 -9.59 22.30 2.15
N VAL A 138 -9.26 21.84 3.36
CA VAL A 138 -9.90 22.27 4.58
C VAL A 138 -8.96 23.23 5.30
N PHE A 139 -9.46 24.43 5.61
CA PHE A 139 -8.71 25.37 6.43
C PHE A 139 -8.75 24.88 7.87
N ALA A 140 -7.74 24.10 8.27
CA ALA A 140 -7.80 23.42 9.57
C ALA A 140 -7.53 24.37 10.74
N GLY A 141 -6.57 25.27 10.59
CA GLY A 141 -6.24 26.19 11.67
C GLY A 141 -5.48 27.41 11.22
N ARG A 142 -5.80 28.57 11.79
CA ARG A 142 -5.12 29.79 11.42
C ARG A 142 -3.68 29.78 11.94
N GLY A 143 -2.79 30.41 11.18
CA GLY A 143 -1.39 30.44 11.55
C GLY A 143 -0.70 31.71 11.09
N HIS A 144 0.62 31.65 10.97
CA HIS A 144 1.42 32.81 10.60
C HIS A 144 2.60 32.34 9.77
N THR A 145 2.99 33.16 8.80
CA THR A 145 4.07 32.82 7.87
C THR A 145 5.18 33.86 7.97
N TRP A 146 6.41 33.40 8.17
CA TRP A 146 7.58 34.27 8.19
C TRP A 146 8.26 34.24 6.82
N LEU A 147 8.58 35.41 6.29
CA LEU A 147 9.22 35.54 5.00
C LEU A 147 10.58 36.21 5.15
N GLY A 148 11.52 35.84 4.29
CA GLY A 148 12.84 36.43 4.33
C GLY A 148 13.69 35.92 3.19
N ASP A 149 14.81 36.61 2.97
CA ASP A 149 15.78 36.26 1.94
C ASP A 149 17.18 36.52 2.46
N PRO A 150 17.99 35.47 2.67
CA PRO A 150 19.33 35.68 3.23
C PRO A 150 20.25 36.48 2.32
N ARG A 151 20.01 36.48 1.02
CA ARG A 151 20.84 37.21 0.07
C ARG A 151 20.41 38.66 -0.08
N ASP A 152 19.11 38.94 0.00
CA ASP A 152 18.58 40.29 -0.12
C ASP A 152 17.58 40.50 1.01
N THR A 153 17.99 41.25 2.05
CA THR A 153 17.20 41.35 3.27
C THR A 153 16.10 42.41 3.21
N ASN A 154 16.05 43.23 2.16
CA ASN A 154 15.02 44.25 2.08
C ASN A 154 13.69 43.63 1.67
N ALA A 155 12.61 44.11 2.27
CA ALA A 155 11.31 43.53 2.04
C ALA A 155 10.75 43.98 0.70
N PRO A 156 10.06 43.11 -0.02
CA PRO A 156 9.44 43.51 -1.29
C PRO A 156 8.23 44.42 -1.04
N ALA A 157 7.80 45.07 -2.12
CA ALA A 157 6.65 45.98 -2.02
C ALA A 157 5.32 45.26 -2.03
N TRP A 158 5.28 44.01 -2.50
CA TRP A 158 4.02 43.30 -2.63
C TRP A 158 3.56 42.65 -1.33
N LEU A 159 4.25 42.89 -0.22
CA LEU A 159 3.82 42.32 1.05
C LEU A 159 2.44 42.81 1.46
N THR A 160 2.10 44.05 1.09
CA THR A 160 0.80 44.59 1.44
C THR A 160 -0.33 43.88 0.71
N GLN A 161 -0.06 43.31 -0.47
CA GLN A 161 -1.07 42.49 -1.15
C GLN A 161 -1.46 41.28 -0.32
N LEU A 162 -0.50 40.74 0.44
CA LEU A 162 -0.84 39.62 1.34
C LEU A 162 -1.75 40.07 2.46
N SER A 163 -1.55 41.30 2.96
CA SER A 163 -2.44 41.83 3.99
C SER A 163 -3.85 42.00 3.45
N GLN A 164 -3.99 42.46 2.20
CA GLN A 164 -5.31 42.61 1.60
C GLN A 164 -6.04 41.28 1.51
N ALA A 165 -5.30 40.20 1.23
CA ALA A 165 -5.89 38.87 1.12
C ALA A 165 -6.01 38.17 2.46
N GLY A 166 -5.70 38.85 3.56
CA GLY A 166 -5.83 38.24 4.87
C GLY A 166 -4.85 37.11 5.12
N ILE A 167 -3.63 37.23 4.62
CA ILE A 167 -2.60 36.22 4.84
C ILE A 167 -1.62 36.76 5.87
N PRO A 168 -1.70 36.30 7.12
CA PRO A 168 -0.82 36.86 8.17
C PRO A 168 0.64 36.52 7.89
N HIS A 169 1.49 37.54 7.89
CA HIS A 169 2.89 37.37 7.54
C HIS A 169 3.73 38.42 8.25
N SER A 170 5.02 38.13 8.34
CA SER A 170 5.99 39.07 8.88
C SER A 170 7.31 38.90 8.14
N TRP A 171 7.92 40.00 7.75
CA TRP A 171 9.22 39.95 7.09
C TRP A 171 10.32 39.89 8.14
N SER A 172 11.11 38.82 8.11
CA SER A 172 12.20 38.63 9.07
C SER A 172 13.53 38.84 8.36
N ASP A 173 14.39 39.65 8.97
CA ASP A 173 15.71 39.92 8.41
C ASP A 173 16.70 38.80 8.69
N ASP A 174 16.27 37.71 9.33
CA ASP A 174 17.10 36.52 9.55
C ASP A 174 16.16 35.30 9.47
N ILE A 175 15.79 34.94 8.24
CA ILE A 175 14.82 33.87 8.04
C ILE A 175 15.42 32.51 8.38
N LEU A 176 16.74 32.37 8.28
CA LEU A 176 17.38 31.10 8.62
C LEU A 176 17.24 30.79 10.11
N GLU A 177 17.24 31.83 10.96
CA GLU A 177 17.01 31.60 12.38
C GLU A 177 15.60 31.12 12.66
N ARG A 178 14.62 31.57 11.87
CA ARG A 178 13.24 31.10 12.04
C ARG A 178 13.11 29.65 11.63
N LEU A 179 13.64 29.30 10.46
CA LEU A 179 13.56 27.93 9.97
C LEU A 179 14.29 26.96 10.89
N TRP A 180 15.39 27.39 11.51
CA TRP A 180 16.09 26.51 12.43
C TRP A 180 15.32 26.32 13.74
N ARG A 181 14.57 27.33 14.16
CA ARG A 181 13.73 27.18 15.35
C ARG A 181 12.69 26.07 15.15
N LYS A 182 12.03 26.08 13.99
CA LYS A 182 11.00 25.08 13.74
C LYS A 182 11.59 23.71 13.43
N LEU A 183 12.78 23.67 12.82
CA LEU A 183 13.41 22.38 12.55
C LEU A 183 13.83 21.70 13.84
N ALA A 184 14.53 22.42 14.72
CA ALA A 184 14.89 21.85 16.02
C ALA A 184 13.67 21.43 16.81
N LEU A 185 12.57 22.16 16.64
CA LEU A 185 11.32 21.77 17.30
C LEU A 185 10.78 20.47 16.71
N ASN A 186 10.94 20.28 15.40
CA ASN A 186 10.48 19.06 14.76
C ASN A 186 11.33 17.85 15.19
N CYS A 187 12.65 18.03 15.26
CA CYS A 187 13.53 16.92 15.60
C CYS A 187 13.29 16.41 17.02
N ALA A 188 12.87 17.29 17.93
CA ALA A 188 12.69 16.90 19.32
C ALA A 188 11.40 16.15 19.57
N ILE A 189 10.44 16.23 18.65
CA ILE A 189 9.10 15.69 18.88
C ILE A 189 8.78 14.57 17.89
N ASN A 190 8.84 14.87 16.60
CA ASN A 190 8.30 13.95 15.59
C ASN A 190 9.01 12.61 15.55
N PRO A 191 10.36 12.52 15.53
CA PRO A 191 10.98 11.19 15.49
C PRO A 191 10.56 10.27 16.63
N LEU A 192 10.47 10.79 17.85
CA LEU A 192 10.06 9.93 18.97
C LEU A 192 8.59 9.53 18.88
N THR A 193 7.74 10.38 18.29
CA THR A 193 6.33 10.03 18.16
C THR A 193 6.13 8.86 17.19
N VAL A 194 7.00 8.73 16.20
CA VAL A 194 6.91 7.60 15.29
C VAL A 194 7.45 6.33 15.93
N LEU A 195 8.60 6.43 16.61
CA LEU A 195 9.21 5.27 17.23
C LEU A 195 8.34 4.71 18.36
N HIS A 196 7.70 5.60 19.12
CA HIS A 196 6.86 5.19 20.24
C HIS A 196 5.40 5.02 19.87
N ASP A 197 5.01 5.41 18.66
CA ASP A 197 3.63 5.27 18.17
C ASP A 197 2.64 5.88 19.17
N CYS A 198 2.75 7.19 19.36
CA CYS A 198 1.95 7.88 20.35
C CYS A 198 1.66 9.30 19.87
N ARG A 199 0.64 9.90 20.49
CA ARG A 199 0.36 11.31 20.27
C ARG A 199 1.44 12.16 20.95
N ASN A 200 1.46 13.44 20.60
CA ASN A 200 2.49 14.32 21.15
C ASN A 200 2.40 14.42 22.66
N GLY A 201 1.20 14.28 23.22
CA GLY A 201 1.06 14.25 24.67
C GLY A 201 1.71 13.05 25.31
N GLY A 202 1.92 11.97 24.55
CA GLY A 202 2.59 10.80 25.09
C GLY A 202 4.06 11.01 25.36
N LEU A 203 4.66 12.05 24.79
CA LEU A 203 6.07 12.36 25.05
C LEU A 203 6.30 12.88 26.45
N ARG A 204 5.23 13.18 27.21
CA ARG A 204 5.40 13.53 28.61
C ARG A 204 5.95 12.36 29.42
N GLN A 205 5.73 11.13 28.94
CA GLN A 205 6.23 9.94 29.61
C GLN A 205 7.68 9.62 29.28
N HIS A 206 8.34 10.46 28.47
CA HIS A 206 9.76 10.30 28.15
C HIS A 206 10.47 11.63 28.38
N PRO A 207 10.55 12.09 29.63
CA PRO A 207 11.13 13.43 29.87
C PRO A 207 12.63 13.48 29.67
N GLU A 208 13.36 12.44 30.11
CA GLU A 208 14.81 12.45 29.95
C GLU A 208 15.23 12.30 28.50
N GLU A 209 14.45 11.58 27.70
CA GLU A 209 14.75 11.48 26.28
C GLU A 209 14.57 12.83 25.58
N ILE A 210 13.53 13.57 25.96
CA ILE A 210 13.31 14.90 25.40
C ILE A 210 14.43 15.85 25.82
N ALA A 211 14.88 15.76 27.07
CA ALA A 211 15.89 16.68 27.55
C ALA A 211 17.24 16.43 26.89
N ALA A 212 17.59 15.16 26.67
CA ALA A 212 18.87 14.86 26.02
C ALA A 212 18.86 15.30 24.57
N LEU A 213 17.73 15.16 23.87
CA LEU A 213 17.65 15.59 22.48
C LEU A 213 17.78 17.11 22.38
N CYS A 214 17.03 17.84 23.21
CA CYS A 214 17.16 19.30 23.20
C CYS A 214 18.54 19.75 23.62
N ASP A 215 19.22 18.95 24.45
CA ASP A 215 20.60 19.25 24.81
C ASP A 215 21.49 19.28 23.57
N GLU A 216 21.49 18.19 22.80
CA GLU A 216 22.30 18.15 21.58
C GLU A 216 21.79 19.13 20.54
N LEU A 217 20.46 19.25 20.42
CA LEU A 217 19.90 20.25 19.51
C LEU A 217 20.24 21.66 19.96
N GLY A 218 20.35 21.89 21.27
CA GLY A 218 20.77 23.20 21.74
C GLY A 218 22.21 23.51 21.40
N GLN A 219 23.09 22.51 21.50
CA GLN A 219 24.47 22.70 21.08
C GLN A 219 24.56 22.98 19.59
N LEU A 220 23.71 22.31 18.80
CA LEU A 220 23.70 22.54 17.36
C LEU A 220 23.24 23.95 17.03
N LEU A 221 22.26 24.47 17.77
CA LEU A 221 21.81 25.84 17.55
C LEU A 221 22.88 26.84 18.01
N HIS A 222 23.57 26.55 19.12
CA HIS A 222 24.62 27.44 19.58
C HIS A 222 25.78 27.49 18.58
N ALA A 223 26.18 26.33 18.06
CA ALA A 223 27.28 26.28 17.11
C ALA A 223 26.95 26.95 15.79
N SER A 224 25.66 27.18 15.50
CA SER A 224 25.24 27.80 14.26
C SER A 224 24.91 29.28 14.43
N GLY A 225 25.21 29.85 15.59
CA GLY A 225 24.98 31.27 15.80
C GLY A 225 23.56 31.64 16.19
N TYR A 226 22.79 30.70 16.74
CA TYR A 226 21.41 30.91 17.15
C TYR A 226 21.34 30.66 18.65
N ASP A 227 21.82 31.61 19.44
CA ASP A 227 21.90 31.45 20.88
C ASP A 227 20.52 31.57 21.53
N ALA A 228 19.72 32.56 21.12
CA ALA A 228 18.41 32.75 21.73
C ALA A 228 17.53 31.53 21.53
N ALA A 229 17.59 30.90 20.35
CA ALA A 229 16.79 29.71 20.11
C ALA A 229 17.27 28.54 20.97
N ALA A 230 18.58 28.44 21.22
CA ALA A 230 19.10 27.32 21.98
C ALA A 230 18.74 27.42 23.47
N ARG A 231 18.66 28.63 24.01
CA ARG A 231 18.34 28.78 25.43
C ARG A 231 16.90 28.42 25.71
N SER A 232 15.97 28.87 24.86
CA SER A 232 14.55 28.64 25.07
C SER A 232 14.03 27.38 24.38
N LEU A 233 14.92 26.59 23.76
CA LEU A 233 14.46 25.42 22.99
C LEU A 233 13.70 24.44 23.87
N LEU A 234 14.22 24.15 25.06
CA LEU A 234 13.60 23.14 25.92
C LEU A 234 12.18 23.55 26.31
N GLU A 235 12.02 24.79 26.81
CA GLU A 235 10.69 25.22 27.21
C GLU A 235 9.79 25.42 25.99
N ASP A 236 10.37 25.73 24.82
CA ASP A 236 9.56 25.80 23.61
C ASP A 236 9.03 24.42 23.23
N VAL A 237 9.84 23.38 23.41
CA VAL A 237 9.38 22.01 23.15
C VAL A 237 8.30 21.63 24.15
N ARG A 238 8.45 22.03 25.40
CA ARG A 238 7.45 21.72 26.42
C ARG A 238 6.12 22.40 26.11
N ALA A 239 6.16 23.61 25.56
CA ALA A 239 4.93 24.33 25.26
C ALA A 239 4.16 23.69 24.11
N VAL A 240 4.89 23.26 23.07
CA VAL A 240 4.23 22.64 21.92
C VAL A 240 3.63 21.29 22.31
N ILE A 241 4.28 20.56 23.21
CA ILE A 241 3.75 19.26 23.64
C ILE A 241 2.40 19.44 24.33
N ASP A 242 2.31 20.40 25.25
CA ASP A 242 1.05 20.62 25.95
C ASP A 242 -0.01 21.20 25.05
N ALA A 243 0.38 22.01 24.05
CA ALA A 243 -0.60 22.63 23.16
C ALA A 243 -1.14 21.64 22.14
N THR A 244 -0.36 20.63 21.76
CA THR A 244 -0.76 19.63 20.79
C THR A 244 -0.78 18.24 21.40
N ALA A 245 -1.21 18.14 22.65
CA ALA A 245 -1.11 16.88 23.38
C ALA A 245 -1.95 15.78 22.74
N ALA A 246 -3.14 16.14 22.25
CA ALA A 246 -4.05 15.15 21.67
C ALA A 246 -3.81 14.91 20.19
N ASN A 247 -2.84 15.58 19.57
CA ASN A 247 -2.61 15.47 18.15
C ASN A 247 -1.57 14.40 17.84
N TYR A 248 -1.70 13.80 16.66
CA TYR A 248 -0.63 12.99 16.08
C TYR A 248 0.22 13.88 15.18
N SER A 249 1.54 13.78 15.32
CA SER A 249 2.45 14.63 14.57
C SER A 249 2.30 14.38 13.06
N SER A 250 2.79 15.34 12.28
CA SER A 250 2.70 15.20 10.83
C SER A 250 3.50 14.00 10.33
N MET A 251 4.64 13.71 10.96
CA MET A 251 5.43 12.57 10.52
C MET A 251 4.80 11.25 10.96
N HIS A 252 4.13 11.24 12.11
CA HIS A 252 3.38 10.05 12.50
C HIS A 252 2.26 9.77 11.52
N GLN A 253 1.60 10.82 11.01
CA GLN A 253 0.52 10.62 10.04
C GLN A 253 1.07 10.15 8.70
N ASP A 254 2.25 10.63 8.30
CA ASP A 254 2.85 10.18 7.05
C ASP A 254 3.14 8.69 7.08
N VAL A 255 3.69 8.20 8.19
CA VAL A 255 4.08 6.79 8.27
C VAL A 255 2.85 5.89 8.32
N THR A 256 1.87 6.25 9.15
CA THR A 256 0.68 5.41 9.27
C THR A 256 -0.09 5.35 7.96
N ARG A 257 0.00 6.40 7.14
CA ARG A 257 -0.63 6.41 5.82
C ARG A 257 0.26 5.79 4.75
N GLY A 258 1.41 5.25 5.12
CA GLY A 258 2.29 4.60 4.16
C GLY A 258 2.92 5.53 3.13
N ARG A 259 3.24 6.76 3.51
CA ARG A 259 3.80 7.73 2.60
C ARG A 259 5.23 8.09 3.00
N ARG A 260 5.92 8.76 2.08
CA ARG A 260 7.29 9.20 2.33
C ARG A 260 7.31 10.39 3.28
N THR A 261 8.25 10.38 4.22
CA THR A 261 8.43 11.48 5.15
C THR A 261 9.45 12.48 4.62
N GLU A 262 9.52 13.62 5.29
CA GLU A 262 10.51 14.66 4.96
C GLU A 262 11.73 14.56 5.88
N ILE A 263 12.14 13.34 6.21
CA ILE A 263 13.26 13.13 7.13
C ILE A 263 14.56 13.67 6.56
N GLY A 264 14.72 13.65 5.24
CA GLY A 264 15.93 14.16 4.61
C GLY A 264 16.12 15.65 4.76
N TYR A 265 15.11 16.36 5.27
CA TYR A 265 15.17 17.80 5.46
C TYR A 265 14.85 18.19 6.91
N LEU A 266 14.76 17.20 7.81
CA LEU A 266 14.46 17.47 9.21
C LEU A 266 15.58 16.86 10.04
N LEU A 267 15.36 15.68 10.64
CA LEU A 267 16.40 15.06 11.46
C LEU A 267 17.63 14.71 10.63
N GLY A 268 17.43 14.29 9.38
CA GLY A 268 18.55 13.99 8.52
C GLY A 268 19.37 15.22 8.19
N TYR A 269 18.72 16.37 8.01
CA TYR A 269 19.44 17.61 7.73
C TYR A 269 20.21 18.07 8.96
N ALA A 270 19.64 17.88 10.15
CA ALA A 270 20.29 18.34 11.38
C ALA A 270 21.59 17.58 11.62
N CYS A 271 21.55 16.24 11.55
CA CYS A 271 22.76 15.45 11.72
C CYS A 271 23.78 15.75 10.63
N GLN A 272 23.31 15.99 9.40
CA GLN A 272 24.21 16.42 8.34
C GLN A 272 24.90 17.73 8.69
N HIS A 273 24.15 18.70 9.23
CA HIS A 273 24.75 19.99 9.56
C HIS A 273 25.73 19.88 10.73
N GLY A 274 25.45 19.01 11.69
CA GLY A 274 26.38 18.82 12.80
C GLY A 274 27.70 18.24 12.36
N GLN A 275 27.68 17.34 11.37
CA GLN A 275 28.92 16.76 10.87
C GLN A 275 29.78 17.81 10.19
N ARG A 276 29.16 18.72 9.43
CA ARG A 276 29.94 19.76 8.75
C ARG A 276 30.60 20.70 9.75
N LEU A 277 29.96 20.94 10.89
CA LEU A 277 30.55 21.77 11.94
C LEU A 277 31.52 20.99 12.82
N GLY A 278 31.78 19.72 12.52
CA GLY A 278 32.59 18.91 13.40
C GLY A 278 32.01 18.71 14.78
N LEU A 279 30.70 18.92 14.93
CA LEU A 279 30.06 18.83 16.23
C LEU A 279 29.44 17.45 16.40
N PRO A 280 29.95 16.61 17.32
CA PRO A 280 29.35 15.28 17.51
C PRO A 280 27.96 15.39 18.11
N LEU A 281 27.02 14.67 17.51
CA LEU A 281 25.64 14.59 17.99
C LEU A 281 25.24 13.13 18.03
N PRO A 282 25.71 12.39 19.04
CA PRO A 282 25.48 10.93 19.03
C PRO A 282 24.03 10.54 19.27
N ARG A 283 23.34 11.19 20.22
CA ARG A 283 21.96 10.82 20.51
C ARG A 283 21.06 11.05 19.29
N LEU A 284 21.22 12.19 18.62
CA LEU A 284 20.49 12.43 17.38
C LEU A 284 20.93 11.45 16.29
N GLY A 285 22.18 10.99 16.35
CA GLY A 285 22.64 10.01 15.36
C GLY A 285 21.95 8.68 15.50
N THR A 286 21.84 8.17 16.74
CA THR A 286 21.14 6.91 16.94
C THR A 286 19.64 7.08 16.72
N LEU A 287 19.08 8.24 17.11
CA LEU A 287 17.68 8.52 16.83
C LEU A 287 17.41 8.50 15.32
N LEU A 288 18.33 9.10 14.54
CA LEU A 288 18.19 9.05 13.09
C LEU A 288 18.31 7.62 12.57
N ALA A 289 19.22 6.84 13.14
CA ALA A 289 19.41 5.47 12.67
C ALA A 289 18.20 4.60 12.98
N ARG A 290 17.62 4.77 14.18
CA ARG A 290 16.42 4.00 14.53
C ARG A 290 15.22 4.42 13.68
N LEU A 291 15.14 5.70 13.31
CA LEU A 291 14.02 6.16 12.51
C LEU A 291 14.12 5.63 11.08
N GLN A 292 15.33 5.64 10.50
CA GLN A 292 15.51 5.11 9.16
C GLN A 292 15.22 3.61 9.12
N ALA A 293 15.69 2.86 10.11
CA ALA A 293 15.37 1.44 10.18
C ALA A 293 13.87 1.23 10.37
N HIS A 294 13.20 2.12 11.10
CA HIS A 294 11.76 2.03 11.26
C HIS A 294 11.05 2.23 9.92
N LEU A 295 11.57 3.13 9.08
CA LEU A 295 10.93 3.40 7.80
C LEU A 295 11.17 2.26 6.82
N ARG A 296 12.42 1.78 6.72
CA ARG A 296 12.73 0.69 5.79
C ARG A 296 11.94 -0.57 6.12
N GLN A 297 11.67 -0.82 7.41
CA GLN A 297 10.95 -2.02 7.81
C GLN A 297 9.56 -2.08 7.21
N ARG A 298 8.98 -0.95 6.83
CA ARG A 298 7.63 -0.88 6.27
C ARG A 298 7.62 -0.54 4.79
N GLY A 299 8.75 -0.68 4.11
CA GLY A 299 8.84 -0.38 2.70
C GLY A 299 8.88 1.09 2.36
N LEU A 300 8.96 1.99 3.38
CA LEU A 300 9.02 3.42 3.17
C LEU A 300 10.45 3.88 2.95
N PRO A 301 10.65 4.92 2.15
CA PRO A 301 12.00 5.47 1.95
C PRO A 301 12.56 6.05 3.23
N ASP A 302 13.88 6.01 3.36
CA ASP A 302 14.58 6.54 4.52
C ASP A 302 15.24 7.89 4.23
N ARG A 303 14.83 8.57 3.16
CA ARG A 303 15.41 9.86 2.82
C ARG A 303 14.36 10.77 2.17
N MET B 1 -19.26 -18.05 -7.67
CA MET B 1 -19.42 -17.31 -6.43
C MET B 1 -18.46 -16.12 -6.42
N THR B 2 -18.56 -15.26 -7.45
CA THR B 2 -17.78 -14.03 -7.52
C THR B 2 -18.26 -13.02 -6.49
N TRP B 3 -17.33 -12.43 -5.75
CA TRP B 3 -17.66 -11.37 -4.78
C TRP B 3 -17.70 -10.05 -5.52
N HIS B 4 -18.89 -9.62 -5.93
CA HIS B 4 -19.05 -8.31 -6.53
C HIS B 4 -19.05 -7.25 -5.44
N ILE B 5 -18.19 -6.25 -5.59
CA ILE B 5 -18.04 -5.16 -4.62
C ILE B 5 -18.60 -3.88 -5.24
N LEU B 6 -19.60 -3.31 -4.59
CA LEU B 6 -20.27 -2.10 -5.06
C LEU B 6 -20.18 -1.02 -4.00
N GLY B 7 -19.78 0.18 -4.41
CA GLY B 7 -19.63 1.28 -3.49
C GLY B 7 -18.16 1.61 -3.24
N ALA B 8 -17.93 2.86 -2.82
CA ALA B 8 -16.59 3.37 -2.58
C ALA B 8 -16.22 3.41 -1.10
N GLY B 9 -16.98 2.72 -0.26
CA GLY B 9 -16.69 2.75 1.17
C GLY B 9 -15.34 2.15 1.49
N SER B 10 -14.77 2.59 2.62
CA SER B 10 -13.45 2.13 3.02
C SER B 10 -13.44 0.65 3.33
N LEU B 11 -14.54 0.14 3.94
CA LEU B 11 -14.60 -1.28 4.26
C LEU B 11 -14.68 -2.14 3.01
N GLY B 12 -15.38 -1.67 1.98
CA GLY B 12 -15.48 -2.43 0.74
C GLY B 12 -14.12 -2.72 0.12
N SER B 13 -13.21 -1.76 0.19
CA SER B 13 -11.86 -1.98 -0.32
C SER B 13 -11.07 -2.89 0.62
N LEU B 14 -11.31 -2.75 1.93
CA LEU B 14 -10.64 -3.63 2.89
C LEU B 14 -11.11 -5.07 2.74
N TRP B 15 -12.40 -5.27 2.48
CA TRP B 15 -12.91 -6.61 2.21
C TRP B 15 -12.39 -7.13 0.88
N ALA B 16 -12.44 -6.30 -0.17
CA ALA B 16 -12.04 -6.75 -1.50
C ALA B 16 -10.57 -7.13 -1.54
N ALA B 17 -9.71 -6.37 -0.86
CA ALA B 17 -8.29 -6.68 -0.85
C ALA B 17 -8.03 -8.01 -0.14
N ARG B 18 -8.69 -8.25 0.99
CA ARG B 18 -8.44 -9.47 1.74
C ARG B 18 -9.01 -10.69 1.02
N LEU B 19 -10.17 -10.54 0.37
CA LEU B 19 -10.73 -11.65 -0.40
C LEU B 19 -9.88 -11.96 -1.62
N GLY B 20 -9.41 -10.93 -2.32
CA GLY B 20 -8.69 -11.15 -3.56
C GLY B 20 -7.33 -11.80 -3.36
N ARG B 21 -6.56 -11.33 -2.37
CA ARG B 21 -5.24 -11.88 -2.14
C ARG B 21 -5.29 -13.29 -1.57
N ALA B 22 -6.45 -13.72 -1.06
CA ALA B 22 -6.61 -15.05 -0.51
C ALA B 22 -7.08 -16.07 -1.54
N GLY B 23 -7.14 -15.68 -2.81
CA GLY B 23 -7.55 -16.58 -3.88
C GLY B 23 -9.01 -16.53 -4.25
N LEU B 24 -9.84 -15.85 -3.46
CA LEU B 24 -11.28 -15.78 -3.74
C LEU B 24 -11.55 -14.78 -4.86
N PRO B 25 -12.45 -15.10 -5.79
CA PRO B 25 -12.70 -14.22 -6.93
C PRO B 25 -13.45 -12.96 -6.51
N VAL B 26 -12.89 -11.80 -6.85
CA VAL B 26 -13.44 -10.49 -6.49
C VAL B 26 -13.63 -9.68 -7.75
N ARG B 27 -14.70 -8.88 -7.79
CA ARG B 27 -14.96 -7.98 -8.91
C ARG B 27 -15.48 -6.66 -8.36
N LEU B 28 -14.74 -5.59 -8.62
CA LEU B 28 -15.17 -4.27 -8.20
C LEU B 28 -16.16 -3.69 -9.20
N ILE B 29 -17.24 -3.10 -8.69
CA ILE B 29 -18.23 -2.43 -9.51
C ILE B 29 -18.11 -0.94 -9.24
N LEU B 30 -17.39 -0.24 -10.11
CA LEU B 30 -17.18 1.19 -9.96
C LEU B 30 -18.40 1.96 -10.48
N ARG B 31 -18.38 3.28 -10.25
CA ARG B 31 -19.56 4.09 -10.49
C ARG B 31 -19.86 4.24 -11.97
N ASP B 32 -18.88 4.65 -12.77
CA ASP B 32 -19.12 4.96 -14.17
C ASP B 32 -17.89 4.61 -14.98
N ARG B 33 -17.90 4.99 -16.26
CA ARG B 33 -16.79 4.67 -17.15
C ARG B 33 -15.55 5.48 -16.84
N GLN B 34 -15.71 6.71 -16.36
CA GLN B 34 -14.54 7.54 -16.04
C GLN B 34 -13.81 7.02 -14.81
N ARG B 35 -14.56 6.58 -13.79
CA ARG B 35 -13.92 6.03 -12.60
C ARG B 35 -13.21 4.72 -12.91
N LEU B 36 -13.73 3.94 -13.86
CA LEU B 36 -13.06 2.71 -14.27
C LEU B 36 -11.72 3.02 -14.94
N ARG B 37 -11.69 4.02 -15.81
CA ARG B 37 -10.44 4.36 -16.49
C ARG B 37 -9.40 4.90 -15.50
N ARG B 38 -9.84 5.67 -14.50
CA ARG B 38 -8.90 6.13 -13.48
C ARG B 38 -8.36 4.96 -12.67
N TYR B 39 -9.21 3.96 -12.38
CA TYR B 39 -8.76 2.80 -11.63
C TYR B 39 -7.71 2.01 -12.40
N GLN B 40 -7.90 1.90 -13.72
CA GLN B 40 -6.92 1.19 -14.54
C GLN B 40 -5.60 1.95 -14.61
N GLN B 41 -5.64 3.28 -14.53
CA GLN B 41 -4.39 4.04 -14.47
C GLN B 41 -3.68 3.82 -13.14
N ALA B 42 -4.44 3.67 -12.05
CA ALA B 42 -3.84 3.44 -10.75
C ALA B 42 -3.27 2.03 -10.64
N GLY B 43 -3.83 1.07 -11.39
CA GLY B 43 -3.35 -0.29 -11.41
C GLY B 43 -4.08 -1.25 -10.49
N GLY B 44 -4.80 -0.73 -9.50
CA GLY B 44 -5.50 -1.59 -8.57
C GLY B 44 -5.81 -0.84 -7.29
N LEU B 45 -6.15 -1.61 -6.26
CA LEU B 45 -6.45 -1.07 -4.93
C LEU B 45 -5.20 -1.06 -4.07
N SER B 46 -4.99 0.05 -3.37
CA SER B 46 -3.87 0.19 -2.45
C SER B 46 -4.39 0.07 -1.02
N LEU B 47 -3.82 -0.87 -0.26
CA LEU B 47 -4.19 -1.08 1.13
C LEU B 47 -2.96 -0.85 2.01
N VAL B 48 -3.13 -0.06 3.05
CA VAL B 48 -2.03 0.29 3.95
C VAL B 48 -2.28 -0.43 5.28
N GLU B 49 -1.38 -1.34 5.62
CA GLU B 49 -1.43 -2.10 6.87
C GLU B 49 -0.12 -1.93 7.60
N ASP B 50 -0.19 -1.45 8.85
CA ASP B 50 0.99 -1.27 9.70
C ASP B 50 2.05 -0.42 9.01
N GLY B 51 1.60 0.60 8.29
CA GLY B 51 2.50 1.51 7.59
C GLY B 51 2.97 1.03 6.23
N GLN B 52 2.73 -0.23 5.88
CA GLN B 52 3.16 -0.77 4.59
C GLN B 52 1.99 -0.80 3.62
N ALA B 53 2.26 -0.38 2.38
CA ALA B 53 1.25 -0.33 1.33
C ALA B 53 1.43 -1.48 0.36
N SER B 54 0.31 -2.06 -0.08
CA SER B 54 0.30 -3.12 -1.09
C SER B 54 -0.73 -2.77 -2.16
N LEU B 55 -0.41 -3.08 -3.41
CA LEU B 55 -1.29 -2.80 -4.54
C LEU B 55 -1.82 -4.13 -5.08
N TYR B 56 -3.15 -4.26 -5.11
CA TYR B 56 -3.80 -5.48 -5.59
C TYR B 56 -4.56 -5.18 -6.89
N PRO B 57 -4.16 -5.76 -8.02
CA PRO B 57 -4.82 -5.45 -9.31
C PRO B 57 -6.14 -6.21 -9.49
N ILE B 58 -7.11 -5.87 -8.64
CA ILE B 58 -8.40 -6.53 -8.67
C ILE B 58 -9.18 -6.08 -9.90
N ALA B 59 -9.93 -7.01 -10.51
CA ALA B 59 -10.73 -6.70 -11.68
C ALA B 59 -11.87 -5.77 -11.31
N ALA B 60 -12.16 -4.81 -12.19
CA ALA B 60 -13.20 -3.82 -11.98
C ALA B 60 -14.09 -3.72 -13.21
N GLU B 61 -15.26 -3.13 -13.02
CA GLU B 61 -16.22 -2.97 -14.10
C GLU B 61 -17.23 -1.90 -13.72
N THR B 62 -18.10 -1.56 -14.67
CA THR B 62 -19.21 -0.64 -14.49
C THR B 62 -20.51 -1.41 -14.28
N PRO B 63 -21.54 -0.78 -13.72
CA PRO B 63 -22.80 -1.50 -13.49
C PRO B 63 -23.48 -1.96 -14.78
N ASP B 64 -23.14 -1.39 -15.92
CA ASP B 64 -23.78 -1.74 -17.18
C ASP B 64 -23.45 -3.18 -17.57
N GLY B 65 -22.29 -3.40 -18.15
CA GLY B 65 -21.89 -4.74 -18.54
C GLY B 65 -21.48 -5.59 -17.34
N GLY B 66 -21.24 -6.86 -17.62
CA GLY B 66 -20.80 -7.80 -16.61
C GLY B 66 -21.67 -9.04 -16.58
N GLN B 67 -21.33 -9.93 -15.65
CA GLN B 67 -22.03 -11.19 -15.48
C GLN B 67 -23.17 -11.03 -14.50
N PRO B 68 -24.09 -12.01 -14.43
CA PRO B 68 -25.10 -11.99 -13.37
C PRO B 68 -24.45 -11.98 -12.00
N ILE B 69 -25.05 -11.21 -11.09
CA ILE B 69 -24.52 -11.03 -9.74
C ILE B 69 -25.21 -12.02 -8.81
N GLN B 70 -24.41 -12.77 -8.06
CA GLN B 70 -24.92 -13.73 -7.08
C GLN B 70 -24.58 -13.37 -5.65
N ARG B 71 -23.41 -12.80 -5.41
CA ARG B 71 -22.98 -12.36 -4.08
C ARG B 71 -22.46 -10.93 -4.20
N LEU B 72 -23.13 -10.01 -3.53
CA LEU B 72 -22.84 -8.58 -3.66
C LEU B 72 -22.60 -7.97 -2.29
N LEU B 73 -21.53 -7.20 -2.18
CA LEU B 73 -21.20 -6.47 -0.97
C LEU B 73 -21.46 -4.99 -1.22
N LEU B 74 -22.38 -4.41 -0.46
CA LEU B 74 -22.73 -2.99 -0.59
C LEU B 74 -22.01 -2.20 0.48
N ALA B 75 -21.03 -1.40 0.07
CA ALA B 75 -20.20 -0.61 0.98
C ALA B 75 -20.29 0.85 0.53
N CYS B 76 -21.35 1.53 0.96
CA CYS B 76 -21.56 2.92 0.59
C CYS B 76 -22.27 3.61 1.73
N LYS B 77 -22.35 4.94 1.63
CA LYS B 77 -23.09 5.72 2.62
C LYS B 77 -24.56 5.29 2.61
N ALA B 78 -25.20 5.45 3.77
CA ALA B 78 -26.58 5.00 3.91
C ALA B 78 -27.53 5.73 2.97
N TYR B 79 -27.24 7.01 2.67
CA TYR B 79 -28.09 7.78 1.78
C TYR B 79 -27.86 7.46 0.30
N ASP B 80 -26.89 6.60 -0.02
CA ASP B 80 -26.64 6.17 -1.38
C ASP B 80 -26.95 4.70 -1.60
N ALA B 81 -27.46 4.01 -0.58
CA ALA B 81 -27.59 2.55 -0.65
C ALA B 81 -28.67 2.13 -1.65
N GLU B 82 -29.86 2.75 -1.55
CA GLU B 82 -30.95 2.36 -2.44
C GLU B 82 -30.63 2.69 -3.89
N GLU B 83 -30.00 3.84 -4.14
CA GLU B 83 -29.63 4.21 -5.50
C GLU B 83 -28.59 3.25 -6.06
N ALA B 84 -27.68 2.75 -5.22
CA ALA B 84 -26.67 1.81 -5.70
C ALA B 84 -27.28 0.45 -6.00
N ALA B 85 -28.22 0.00 -5.17
CA ALA B 85 -28.88 -1.28 -5.43
C ALA B 85 -29.66 -1.25 -6.73
N SER B 86 -30.34 -0.13 -7.02
CA SER B 86 -31.09 0.00 -8.27
C SER B 86 -30.17 0.04 -9.48
N SER B 87 -28.91 0.47 -9.31
CA SER B 87 -28.00 0.56 -10.44
C SER B 87 -27.61 -0.82 -10.97
N VAL B 88 -27.62 -1.85 -10.11
CA VAL B 88 -27.27 -3.21 -10.51
C VAL B 88 -28.42 -4.17 -10.28
N ALA B 89 -29.63 -3.67 -10.07
CA ALA B 89 -30.76 -4.55 -9.79
C ALA B 89 -31.12 -5.40 -11.00
N HIS B 90 -30.79 -4.94 -12.20
CA HIS B 90 -31.10 -5.69 -13.42
C HIS B 90 -30.19 -6.89 -13.62
N ARG B 91 -29.11 -7.01 -12.85
CA ARG B 91 -28.15 -8.10 -13.00
C ARG B 91 -28.25 -9.14 -11.91
N LEU B 92 -29.12 -8.96 -10.92
CA LEU B 92 -29.23 -9.92 -9.83
C LEU B 92 -29.77 -11.25 -10.36
N ALA B 93 -29.15 -12.35 -9.92
CA ALA B 93 -29.39 -13.65 -10.52
C ALA B 93 -30.71 -14.29 -10.10
N GLY B 94 -31.30 -13.84 -9.01
CA GLY B 94 -32.51 -14.48 -8.51
C GLY B 94 -32.26 -15.18 -7.19
N ASN B 95 -31.16 -15.93 -7.13
CA ASN B 95 -30.65 -16.46 -5.87
C ASN B 95 -29.61 -15.52 -5.25
N ALA B 96 -29.59 -14.26 -5.67
CA ALA B 96 -28.56 -13.33 -5.24
C ALA B 96 -28.67 -13.03 -3.75
N GLU B 97 -27.50 -12.83 -3.12
CA GLU B 97 -27.43 -12.46 -1.72
C GLU B 97 -26.59 -11.19 -1.59
N LEU B 98 -27.10 -10.21 -0.83
CA LEU B 98 -26.42 -8.94 -0.62
C LEU B 98 -26.00 -8.81 0.84
N LEU B 99 -24.83 -8.20 1.05
CA LEU B 99 -24.31 -7.94 2.39
C LEU B 99 -24.19 -6.43 2.56
N LEU B 100 -25.06 -5.86 3.40
CA LEU B 100 -25.20 -4.42 3.55
C LEU B 100 -24.32 -3.93 4.71
N LEU B 101 -23.38 -3.03 4.41
CA LEU B 101 -22.44 -2.51 5.39
C LEU B 101 -22.74 -1.07 5.80
N GLN B 102 -24.00 -0.66 5.69
CA GLN B 102 -24.35 0.73 5.97
C GLN B 102 -24.47 0.96 7.47
N ASN B 103 -24.15 2.19 7.88
CA ASN B 103 -24.31 2.58 9.27
C ASN B 103 -25.76 2.94 9.57
N GLY B 104 -26.10 2.91 10.86
CA GLY B 104 -27.43 3.27 11.30
C GLY B 104 -28.49 2.29 10.83
N LEU B 105 -29.73 2.80 10.78
CA LEU B 105 -30.88 2.00 10.37
C LEU B 105 -31.69 2.78 9.33
N GLY B 106 -32.56 2.05 8.64
CA GLY B 106 -33.40 2.63 7.62
C GLY B 106 -32.91 2.33 6.21
N SER B 107 -31.61 2.51 6.00
CA SER B 107 -31.02 2.21 4.70
C SER B 107 -31.15 0.73 4.36
N GLN B 108 -30.93 -0.14 5.35
CA GLN B 108 -30.99 -1.58 5.09
C GLN B 108 -32.40 -2.02 4.73
N GLN B 109 -33.40 -1.56 5.49
CA GLN B 109 -34.77 -1.94 5.21
C GLN B 109 -35.25 -1.41 3.87
N ALA B 110 -34.76 -0.25 3.46
CA ALA B 110 -35.16 0.31 2.16
C ALA B 110 -34.62 -0.53 1.01
N VAL B 111 -33.40 -1.05 1.14
CA VAL B 111 -32.84 -1.89 0.09
C VAL B 111 -33.55 -3.25 0.06
N ALA B 112 -33.85 -3.80 1.23
CA ALA B 112 -34.53 -5.09 1.28
C ALA B 112 -35.92 -5.01 0.66
N ALA B 113 -36.62 -3.89 0.90
CA ALA B 113 -37.93 -3.70 0.27
C ALA B 113 -37.80 -3.42 -1.22
N ARG B 114 -36.69 -2.81 -1.64
CA ARG B 114 -36.47 -2.56 -3.06
C ARG B 114 -36.19 -3.84 -3.83
N LEU B 115 -35.59 -4.84 -3.18
CA LEU B 115 -35.23 -6.12 -3.79
C LEU B 115 -35.90 -7.23 -2.99
N PRO B 116 -37.17 -7.51 -3.25
CA PRO B 116 -37.88 -8.52 -2.45
C PRO B 116 -37.41 -9.94 -2.71
N ARG B 117 -37.04 -10.28 -3.95
CA ARG B 117 -36.61 -11.63 -4.28
C ARG B 117 -35.10 -11.84 -4.09
N SER B 118 -34.46 -10.96 -3.31
CA SER B 118 -33.05 -11.10 -2.99
C SER B 118 -32.87 -11.12 -1.48
N ARG B 119 -31.95 -11.96 -1.02
CA ARG B 119 -31.65 -12.03 0.41
C ARG B 119 -30.68 -10.91 0.77
N CYS B 120 -31.06 -10.11 1.76
CA CYS B 120 -30.28 -8.97 2.22
C CYS B 120 -29.82 -9.23 3.65
N LEU B 121 -28.54 -9.56 3.80
CA LEU B 121 -27.95 -9.73 5.13
C LEU B 121 -27.50 -8.39 5.67
N PHE B 122 -27.72 -8.19 6.96
CA PHE B 122 -27.33 -6.96 7.64
C PHE B 122 -26.02 -7.17 8.37
N ALA B 123 -25.18 -6.15 8.38
CA ALA B 123 -23.84 -6.25 8.96
C ALA B 123 -23.57 -5.08 9.90
N SER B 124 -22.76 -5.35 10.93
CA SER B 124 -22.31 -4.34 11.87
C SER B 124 -20.84 -4.60 12.17
N SER B 125 -19.97 -3.68 11.79
CA SER B 125 -18.53 -3.86 11.87
C SER B 125 -17.90 -2.84 12.80
N THR B 126 -16.82 -3.24 13.45
CA THR B 126 -16.01 -2.36 14.28
C THR B 126 -14.61 -2.15 13.72
N GLU B 127 -14.38 -2.53 12.47
CA GLU B 127 -13.08 -2.32 11.84
C GLU B 127 -12.92 -0.86 11.43
N GLY B 128 -11.71 -0.33 11.64
CA GLY B 128 -11.39 1.03 11.29
C GLY B 128 -10.65 1.09 9.97
N ALA B 129 -11.12 1.97 9.08
CA ALA B 129 -10.51 2.15 7.78
C ALA B 129 -11.00 3.47 7.19
N PHE B 130 -10.08 4.21 6.57
CA PHE B 130 -10.42 5.48 5.94
C PHE B 130 -9.69 5.61 4.61
N ARG B 131 -10.18 6.52 3.78
CA ARG B 131 -9.64 6.74 2.45
C ARG B 131 -8.53 7.78 2.50
N ASP B 132 -7.37 7.43 1.95
CA ASP B 132 -6.27 8.37 1.80
C ASP B 132 -5.91 8.44 0.32
N GLY B 133 -6.87 8.84 -0.50
CA GLY B 133 -6.78 8.73 -1.94
C GLY B 133 -7.97 8.01 -2.52
N ASP B 134 -8.07 8.08 -3.85
CA ASP B 134 -9.23 7.51 -4.52
C ASP B 134 -9.27 5.99 -4.37
N PHE B 135 -8.14 5.32 -4.61
CA PHE B 135 -8.06 3.87 -4.53
C PHE B 135 -7.00 3.44 -3.53
N ARG B 136 -6.95 4.14 -2.40
CA ARG B 136 -6.04 3.82 -1.31
C ARG B 136 -6.80 3.90 0.00
N VAL B 137 -6.70 2.84 0.80
CA VAL B 137 -7.42 2.72 2.06
C VAL B 137 -6.43 2.28 3.13
N VAL B 138 -6.45 2.94 4.28
CA VAL B 138 -5.57 2.64 5.39
C VAL B 138 -6.33 1.76 6.38
N PHE B 139 -5.80 0.56 6.63
CA PHE B 139 -6.38 -0.33 7.63
C PHE B 139 -5.96 0.18 9.00
N ALA B 140 -6.76 1.11 9.54
CA ALA B 140 -6.40 1.76 10.79
C ALA B 140 -6.63 0.86 11.99
N GLY B 141 -7.87 0.42 12.20
CA GLY B 141 -8.21 -0.33 13.39
C GLY B 141 -8.73 -1.73 13.13
N ARG B 142 -8.08 -2.71 13.74
CA ARG B 142 -8.58 -4.08 13.70
C ARG B 142 -9.85 -4.20 14.55
N GLY B 143 -10.83 -4.92 14.05
CA GLY B 143 -12.12 -5.03 14.71
C GLY B 143 -12.82 -6.33 14.37
N HIS B 144 -14.15 -6.30 14.46
CA HIS B 144 -14.97 -7.48 14.24
C HIS B 144 -16.21 -7.10 13.44
N THR B 145 -16.76 -8.07 12.73
CA THR B 145 -17.94 -7.86 11.89
C THR B 145 -19.01 -8.87 12.25
N TRP B 146 -20.24 -8.40 12.45
CA TRP B 146 -21.37 -9.26 12.77
C TRP B 146 -22.31 -9.32 11.57
N LEU B 147 -22.89 -10.49 11.33
CA LEU B 147 -23.82 -10.70 10.23
C LEU B 147 -25.10 -11.34 10.76
N GLY B 148 -26.20 -11.12 10.05
CA GLY B 148 -27.46 -11.69 10.44
C GLY B 148 -28.53 -11.38 9.40
N ASP B 149 -29.68 -12.00 9.60
CA ASP B 149 -30.83 -11.81 8.72
C ASP B 149 -32.12 -12.01 9.51
N PRO B 150 -32.94 -10.97 9.65
CA PRO B 150 -34.18 -11.12 10.44
C PRO B 150 -35.15 -12.13 9.87
N ARG B 151 -35.14 -12.34 8.55
CA ARG B 151 -36.04 -13.27 7.89
C ARG B 151 -35.48 -14.69 7.87
N ASP B 152 -34.21 -14.85 7.54
CA ASP B 152 -33.57 -16.15 7.36
C ASP B 152 -32.45 -16.26 8.40
N THR B 153 -32.77 -16.82 9.57
CA THR B 153 -31.84 -16.86 10.69
C THR B 153 -30.81 -18.00 10.59
N ASN B 154 -30.59 -18.55 9.40
CA ASN B 154 -29.60 -19.62 9.20
C ASN B 154 -28.39 -19.04 8.47
N ALA B 155 -27.21 -19.34 8.99
CA ALA B 155 -25.99 -18.80 8.40
C ALA B 155 -25.75 -19.41 7.03
N PRO B 156 -25.22 -18.63 6.08
CA PRO B 156 -24.90 -19.18 4.76
C PRO B 156 -23.62 -20.00 4.80
N ALA B 157 -23.35 -20.69 3.68
CA ALA B 157 -22.22 -21.58 3.60
C ALA B 157 -20.89 -20.87 3.35
N TRP B 158 -20.93 -19.68 2.77
CA TRP B 158 -19.71 -18.96 2.40
C TRP B 158 -19.09 -18.20 3.56
N LEU B 159 -19.53 -18.41 4.80
CA LEU B 159 -18.86 -17.80 5.93
C LEU B 159 -17.45 -18.35 6.11
N THR B 160 -17.17 -19.55 5.60
CA THR B 160 -15.83 -20.10 5.70
C THR B 160 -14.84 -19.32 4.86
N GLN B 161 -15.30 -18.73 3.75
CA GLN B 161 -14.40 -17.96 2.90
C GLN B 161 -13.94 -16.68 3.59
N LEU B 162 -14.76 -16.13 4.49
CA LEU B 162 -14.34 -14.95 5.24
C LEU B 162 -13.20 -15.29 6.19
N SER B 163 -13.28 -16.45 6.86
CA SER B 163 -12.19 -16.91 7.69
C SER B 163 -10.94 -17.20 6.86
N GLN B 164 -11.12 -17.69 5.64
CA GLN B 164 -9.99 -17.94 4.76
C GLN B 164 -9.26 -16.65 4.42
N ALA B 165 -10.00 -15.55 4.25
CA ALA B 165 -9.43 -14.24 3.98
C ALA B 165 -9.06 -13.49 5.24
N GLY B 166 -9.13 -14.13 6.41
CA GLY B 166 -8.74 -13.49 7.65
C GLY B 166 -9.65 -12.35 8.07
N ILE B 167 -10.94 -12.44 7.74
CA ILE B 167 -11.91 -11.42 8.10
C ILE B 167 -12.64 -11.88 9.37
N PRO B 168 -12.35 -11.30 10.54
CA PRO B 168 -13.05 -11.73 11.75
C PRO B 168 -14.55 -11.46 11.66
N HIS B 169 -15.35 -12.49 11.87
CA HIS B 169 -16.78 -12.38 11.72
C HIS B 169 -17.48 -13.32 12.69
N SER B 170 -18.76 -13.02 12.95
CA SER B 170 -19.61 -13.85 13.78
C SER B 170 -21.05 -13.70 13.31
N TRP B 171 -21.73 -14.83 13.14
CA TRP B 171 -23.15 -14.80 12.77
C TRP B 171 -23.98 -14.47 14.00
N SER B 172 -24.85 -13.47 13.86
CA SER B 172 -25.63 -12.95 14.97
C SER B 172 -27.05 -13.51 14.93
N ASP B 173 -27.58 -13.85 16.11
CA ASP B 173 -28.97 -14.31 16.19
C ASP B 173 -29.94 -13.15 16.01
N ASP B 174 -29.63 -12.00 16.61
CA ASP B 174 -30.46 -10.81 16.53
C ASP B 174 -29.56 -9.66 16.04
N ILE B 175 -29.40 -9.57 14.72
CA ILE B 175 -28.54 -8.54 14.15
C ILE B 175 -29.15 -7.16 14.32
N LEU B 176 -30.49 -7.07 14.35
CA LEU B 176 -31.13 -5.78 14.55
C LEU B 176 -30.87 -5.23 15.94
N GLU B 177 -30.62 -6.10 16.93
CA GLU B 177 -30.35 -5.63 18.28
C GLU B 177 -28.98 -4.98 18.38
N ARG B 178 -28.00 -5.45 17.60
CA ARG B 178 -26.70 -4.81 17.59
C ARG B 178 -26.74 -3.46 16.90
N LEU B 179 -27.50 -3.37 15.80
CA LEU B 179 -27.61 -2.11 15.08
C LEU B 179 -28.28 -1.04 15.94
N TRP B 180 -29.30 -1.42 16.71
CA TRP B 180 -29.93 -0.46 17.61
C TRP B 180 -28.99 -0.05 18.73
N ARG B 181 -28.21 -1.01 19.25
CA ARG B 181 -27.21 -0.68 20.27
C ARG B 181 -26.19 0.32 19.73
N LYS B 182 -25.77 0.15 18.49
CA LYS B 182 -24.80 1.06 17.90
C LYS B 182 -25.42 2.41 17.58
N LEU B 183 -26.68 2.42 17.15
CA LEU B 183 -27.35 3.68 16.83
C LEU B 183 -27.57 4.52 18.09
N ALA B 184 -27.98 3.88 19.20
CA ALA B 184 -28.17 4.61 20.44
C ALA B 184 -26.86 5.19 20.94
N LEU B 185 -25.78 4.41 20.86
CA LEU B 185 -24.46 4.91 21.24
C LEU B 185 -24.05 6.09 20.37
N ASN B 186 -24.37 6.04 19.07
CA ASN B 186 -24.05 7.14 18.18
C ASN B 186 -24.83 8.41 18.56
N CYS B 187 -26.13 8.27 18.84
CA CYS B 187 -26.96 9.44 19.13
C CYS B 187 -26.54 10.13 20.41
N ALA B 188 -26.04 9.39 21.39
CA ALA B 188 -25.66 9.99 22.66
C ALA B 188 -24.37 10.79 22.56
N ILE B 189 -23.49 10.43 21.63
CA ILE B 189 -22.14 10.98 21.57
C ILE B 189 -21.96 11.92 20.37
N ASN B 190 -22.18 11.42 19.16
CA ASN B 190 -21.78 12.16 17.96
C ASN B 190 -22.47 13.51 17.83
N PRO B 191 -23.79 13.64 17.95
CA PRO B 191 -24.40 14.98 17.76
C PRO B 191 -23.84 16.03 18.71
N LEU B 192 -23.57 15.65 19.97
CA LEU B 192 -23.03 16.63 20.92
C LEU B 192 -21.62 17.05 20.55
N THR B 193 -20.81 16.12 20.02
CA THR B 193 -19.46 16.50 19.60
C THR B 193 -19.48 17.45 18.42
N VAL B 194 -20.50 17.37 17.56
CA VAL B 194 -20.62 18.31 16.46
C VAL B 194 -21.07 19.67 16.97
N LEU B 195 -22.02 19.69 17.89
CA LEU B 195 -22.55 20.96 18.36
C LEU B 195 -21.54 21.71 19.23
N HIS B 196 -20.73 20.99 20.00
CA HIS B 196 -19.73 21.63 20.86
C HIS B 196 -18.34 21.69 20.24
N ASP B 197 -18.15 21.11 19.06
CA ASP B 197 -16.87 21.14 18.35
C ASP B 197 -15.72 20.67 19.25
N CYS B 198 -15.86 19.45 19.75
CA CYS B 198 -14.91 18.90 20.70
C CYS B 198 -14.70 17.42 20.41
N ARG B 199 -13.64 16.87 21.00
CA ARG B 199 -13.40 15.44 20.94
C ARG B 199 -14.35 14.72 21.89
N ASN B 200 -14.33 13.38 21.82
CA ASN B 200 -15.23 12.59 22.66
C ASN B 200 -15.00 12.84 24.14
N GLY B 201 -13.75 13.09 24.55
CA GLY B 201 -13.48 13.41 25.94
C GLY B 201 -14.12 14.70 26.42
N GLY B 202 -14.41 15.62 25.50
CA GLY B 202 -15.08 16.85 25.87
C GLY B 202 -16.50 16.66 26.38
N LEU B 203 -17.12 15.52 26.08
CA LEU B 203 -18.46 15.26 26.57
C LEU B 203 -18.50 14.99 28.07
N ARG B 204 -17.34 14.71 28.69
CA ARG B 204 -17.30 14.55 30.14
C ARG B 204 -17.54 15.85 30.88
N GLN B 205 -17.47 17.00 30.20
CA GLN B 205 -17.91 18.27 30.76
C GLN B 205 -19.41 18.48 30.58
N HIS B 206 -20.11 17.54 29.93
CA HIS B 206 -21.57 17.59 29.81
C HIS B 206 -22.21 16.31 30.32
N PRO B 207 -21.92 15.89 31.57
CA PRO B 207 -22.54 14.66 32.07
C PRO B 207 -24.04 14.82 32.31
N GLU B 208 -24.50 16.07 32.44
CA GLU B 208 -25.93 16.34 32.57
C GLU B 208 -26.68 15.90 31.31
N GLU B 209 -26.34 16.49 30.17
CA GLU B 209 -27.00 16.15 28.91
C GLU B 209 -26.86 14.66 28.59
N ILE B 210 -25.65 14.12 28.76
CA ILE B 210 -25.41 12.70 28.46
C ILE B 210 -26.36 11.81 29.26
N ALA B 211 -26.58 12.16 30.53
CA ALA B 211 -27.46 11.34 31.36
C ALA B 211 -28.90 11.38 30.85
N ALA B 212 -29.43 12.58 30.61
CA ALA B 212 -30.81 12.72 30.16
C ALA B 212 -31.02 12.17 28.76
N LEU B 213 -30.01 12.27 27.89
CA LEU B 213 -30.14 11.71 26.55
C LEU B 213 -30.12 10.18 26.59
N CYS B 214 -29.28 9.60 27.43
CA CYS B 214 -29.31 8.15 27.62
C CYS B 214 -30.60 7.68 28.27
N ASP B 215 -31.30 8.58 28.97
CA ASP B 215 -32.58 8.22 29.58
C ASP B 215 -33.65 8.04 28.51
N GLU B 216 -33.73 8.97 27.56
CA GLU B 216 -34.72 8.86 26.49
C GLU B 216 -34.37 7.74 25.53
N LEU B 217 -33.09 7.59 25.19
CA LEU B 217 -32.69 6.49 24.31
C LEU B 217 -32.97 5.13 24.96
N GLY B 218 -32.90 5.06 26.29
CA GLY B 218 -33.25 3.83 26.96
C GLY B 218 -34.72 3.50 26.85
N GLN B 219 -35.58 4.52 26.97
CA GLN B 219 -37.01 4.31 26.79
C GLN B 219 -37.32 3.87 25.36
N LEU B 220 -36.64 4.47 24.37
CA LEU B 220 -36.84 4.07 22.99
C LEU B 220 -36.38 2.64 22.75
N LEU B 221 -35.27 2.23 23.37
CA LEU B 221 -34.81 0.86 23.26
C LEU B 221 -35.73 -0.11 24.00
N HIS B 222 -36.29 0.31 25.13
CA HIS B 222 -37.25 -0.52 25.84
C HIS B 222 -38.50 -0.76 24.99
N ALA B 223 -39.04 0.31 24.40
CA ALA B 223 -40.24 0.19 23.58
C ALA B 223 -40.00 -0.61 22.31
N SER B 224 -38.75 -0.71 21.86
CA SER B 224 -38.41 -1.48 20.68
C SER B 224 -38.17 -2.95 20.98
N GLY B 225 -38.24 -3.35 22.25
CA GLY B 225 -38.01 -4.73 22.63
C GLY B 225 -36.59 -5.08 22.95
N TYR B 226 -35.76 -4.10 23.30
CA TYR B 226 -34.34 -4.32 23.62
C TYR B 226 -34.11 -3.78 25.02
N ASP B 227 -34.54 -4.55 26.02
CA ASP B 227 -34.50 -4.08 27.40
C ASP B 227 -33.08 -4.07 27.95
N ALA B 228 -32.28 -5.07 27.60
CA ALA B 228 -30.92 -5.14 28.13
C ALA B 228 -30.07 -3.96 27.66
N ALA B 229 -30.30 -3.49 26.43
CA ALA B 229 -29.53 -2.36 25.92
C ALA B 229 -29.88 -1.08 26.65
N ALA B 230 -31.08 -0.98 27.22
CA ALA B 230 -31.48 0.25 27.89
C ALA B 230 -30.80 0.42 29.23
N ARG B 231 -30.46 -0.68 29.91
CA ARG B 231 -29.86 -0.57 31.23
C ARG B 231 -28.39 -0.16 31.16
N SER B 232 -27.62 -0.78 30.26
CA SER B 232 -26.19 -0.55 30.18
C SER B 232 -25.82 0.67 29.35
N LEU B 233 -26.80 1.36 28.75
CA LEU B 233 -26.50 2.42 27.79
C LEU B 233 -25.63 3.50 28.41
N LEU B 234 -26.10 4.11 29.52
CA LEU B 234 -25.32 5.16 30.16
C LEU B 234 -23.95 4.66 30.60
N GLU B 235 -23.85 3.39 31.00
CA GLU B 235 -22.55 2.81 31.33
C GLU B 235 -21.74 2.53 30.07
N ASP B 236 -22.41 2.08 29.00
CA ASP B 236 -21.71 1.80 27.75
C ASP B 236 -21.24 3.07 27.08
N VAL B 237 -22.03 4.14 27.16
CA VAL B 237 -21.65 5.41 26.56
C VAL B 237 -20.39 5.98 27.24
N ARG B 238 -20.34 5.91 28.57
CA ARG B 238 -19.16 6.40 29.27
C ARG B 238 -17.92 5.57 28.99
N ALA B 239 -18.09 4.26 28.76
CA ALA B 239 -16.95 3.42 28.42
C ALA B 239 -16.36 3.81 27.07
N VAL B 240 -17.21 4.19 26.12
CA VAL B 240 -16.72 4.61 24.81
C VAL B 240 -16.10 6.00 24.88
N ILE B 241 -16.71 6.89 25.68
CA ILE B 241 -16.18 8.25 25.81
C ILE B 241 -14.77 8.22 26.40
N ASP B 242 -14.55 7.39 27.42
CA ASP B 242 -13.24 7.33 28.05
C ASP B 242 -12.22 6.61 27.15
N ALA B 243 -12.67 5.59 26.42
CA ALA B 243 -11.73 4.83 25.59
C ALA B 243 -11.34 5.56 24.32
N THR B 244 -12.17 6.48 23.84
CA THR B 244 -11.91 7.24 22.62
C THR B 244 -11.88 8.74 22.90
N ALA B 245 -11.39 9.11 24.08
CA ALA B 245 -11.47 10.51 24.53
C ALA B 245 -10.65 11.46 23.67
N ALA B 246 -9.61 10.97 22.99
CA ALA B 246 -8.73 11.83 22.21
C ALA B 246 -9.14 11.91 20.74
N ASN B 247 -10.18 11.20 20.33
CA ASN B 247 -10.60 11.16 18.94
C ASN B 247 -11.77 12.10 18.69
N TYR B 248 -11.89 12.56 17.45
CA TYR B 248 -13.11 13.21 16.97
C TYR B 248 -14.03 12.16 16.37
N SER B 249 -15.32 12.31 16.63
CA SER B 249 -16.30 11.35 16.16
C SER B 249 -16.34 11.35 14.62
N SER B 250 -16.97 10.32 14.06
CA SER B 250 -17.12 10.23 12.62
C SER B 250 -17.96 11.39 12.08
N MET B 251 -18.98 11.80 12.83
CA MET B 251 -19.82 12.91 12.38
C MET B 251 -19.10 14.24 12.48
N HIS B 252 -18.25 14.41 13.50
CA HIS B 252 -17.45 15.62 13.61
C HIS B 252 -16.50 15.76 12.42
N GLN B 253 -15.93 14.64 11.96
CA GLN B 253 -15.04 14.68 10.80
C GLN B 253 -15.81 15.01 9.52
N ASP B 254 -17.02 14.46 9.38
CA ASP B 254 -17.83 14.74 8.19
C ASP B 254 -18.14 16.24 8.09
N VAL B 255 -18.57 16.84 9.20
CA VAL B 255 -18.88 18.27 9.18
C VAL B 255 -17.61 19.08 8.97
N THR B 256 -16.50 18.67 9.59
CA THR B 256 -15.23 19.37 9.43
C THR B 256 -14.82 19.44 7.96
N ARG B 257 -15.02 18.35 7.24
CA ARG B 257 -14.68 18.28 5.82
C ARG B 257 -15.81 18.76 4.91
N GLY B 258 -16.87 19.32 5.48
CA GLY B 258 -17.97 19.82 4.68
C GLY B 258 -18.70 18.76 3.89
N ARG B 259 -18.90 17.58 4.49
CA ARG B 259 -19.54 16.47 3.81
C ARG B 259 -20.89 16.16 4.45
N ARG B 260 -21.73 15.47 3.68
CA ARG B 260 -23.05 15.08 4.15
C ARG B 260 -22.94 14.05 5.26
N THR B 261 -23.72 14.25 6.33
CA THR B 261 -23.73 13.35 7.46
C THR B 261 -24.77 12.24 7.24
N GLU B 262 -24.78 11.28 8.17
CA GLU B 262 -25.77 10.20 8.18
C GLU B 262 -26.81 10.42 9.27
N ILE B 263 -27.22 11.68 9.45
CA ILE B 263 -28.18 12.04 10.49
C ILE B 263 -29.55 11.40 10.23
N GLY B 264 -29.94 11.30 8.96
CA GLY B 264 -31.22 10.71 8.61
C GLY B 264 -31.34 9.25 8.96
N TYR B 265 -30.23 8.56 9.17
CA TYR B 265 -30.23 7.16 9.54
C TYR B 265 -29.72 6.93 10.96
N LEU B 266 -29.54 8.02 11.72
CA LEU B 266 -29.04 7.91 13.10
C LEU B 266 -30.00 8.63 14.04
N LEU B 267 -29.67 9.89 14.40
CA LEU B 267 -30.53 10.64 15.30
C LEU B 267 -31.89 10.93 14.67
N GLY B 268 -31.92 11.21 13.36
CA GLY B 268 -33.19 11.42 12.69
C GLY B 268 -34.03 10.16 12.63
N TYR B 269 -33.40 9.00 12.55
CA TYR B 269 -34.14 7.75 12.56
C TYR B 269 -34.73 7.47 13.94
N ALA B 270 -34.00 7.82 15.00
CA ALA B 270 -34.48 7.55 16.34
C ALA B 270 -35.72 8.39 16.67
N CYS B 271 -35.71 9.67 16.30
CA CYS B 271 -36.85 10.52 16.59
C CYS B 271 -38.08 10.08 15.80
N GLN B 272 -37.90 9.70 14.54
CA GLN B 272 -39.04 9.19 13.75
C GLN B 272 -39.57 7.90 14.36
N HIS B 273 -38.69 7.02 14.83
CA HIS B 273 -39.14 5.75 15.40
C HIS B 273 -39.89 5.98 16.70
N GLY B 274 -39.47 6.96 17.50
CA GLY B 274 -40.22 7.30 18.70
C GLY B 274 -41.61 7.80 18.39
N GLN B 275 -41.75 8.58 17.31
CA GLN B 275 -43.07 9.06 16.91
C GLN B 275 -43.97 7.92 16.46
N ARG B 276 -43.40 6.92 15.79
CA ARG B 276 -44.22 5.80 15.32
C ARG B 276 -44.72 4.95 16.47
N LEU B 277 -43.96 4.87 17.56
CA LEU B 277 -44.36 4.12 18.75
C LEU B 277 -45.17 4.94 19.74
N GLY B 278 -45.43 6.21 19.44
CA GLY B 278 -46.14 7.07 20.36
C GLY B 278 -45.34 7.48 21.58
N LEU B 279 -44.03 7.27 21.58
CA LEU B 279 -43.20 7.60 22.73
C LEU B 279 -42.64 9.01 22.57
N PRO B 280 -42.97 9.94 23.47
CA PRO B 280 -42.41 11.29 23.37
C PRO B 280 -40.92 11.30 23.70
N LEU B 281 -40.14 11.89 22.80
CA LEU B 281 -38.69 12.04 22.97
C LEU B 281 -38.34 13.51 22.81
N PRO B 282 -38.66 14.35 23.81
CA PRO B 282 -38.49 15.80 23.65
C PRO B 282 -37.03 16.24 23.58
N ARG B 283 -36.18 15.72 24.47
CA ARG B 283 -34.79 16.15 24.49
C ARG B 283 -34.03 15.65 23.26
N LEU B 284 -34.39 14.49 22.74
CA LEU B 284 -33.80 14.04 21.48
C LEU B 284 -34.31 14.87 20.31
N GLY B 285 -35.56 15.33 20.36
CA GLY B 285 -36.09 16.18 19.29
C GLY B 285 -35.45 17.56 19.30
N THR B 286 -35.16 18.09 20.49
CA THR B 286 -34.43 19.35 20.56
C THR B 286 -32.99 19.19 20.09
N LEU B 287 -32.35 18.08 20.49
CA LEU B 287 -31.00 17.80 19.99
C LEU B 287 -30.99 17.68 18.47
N LEU B 288 -32.02 17.04 17.90
CA LEU B 288 -32.11 16.92 16.46
C LEU B 288 -32.28 18.27 15.79
N ALA B 289 -33.13 19.13 16.34
CA ALA B 289 -33.34 20.44 15.75
C ALA B 289 -32.07 21.29 15.82
N ARG B 290 -31.35 21.21 16.93
CA ARG B 290 -30.07 21.93 17.05
C ARG B 290 -29.08 21.43 16.01
N LEU B 291 -29.01 20.11 15.80
CA LEU B 291 -28.05 19.55 14.85
C LEU B 291 -28.45 19.88 13.42
N GLN B 292 -29.74 19.82 13.10
CA GLN B 292 -30.19 20.16 11.75
C GLN B 292 -29.90 21.63 11.44
N ALA B 293 -30.04 22.52 12.42
CA ALA B 293 -29.70 23.91 12.20
C ALA B 293 -28.20 24.09 12.03
N HIS B 294 -27.41 23.37 12.83
CA HIS B 294 -25.95 23.45 12.71
C HIS B 294 -25.49 23.04 11.32
N LEU B 295 -26.16 22.05 10.72
CA LEU B 295 -25.82 21.62 9.37
C LEU B 295 -26.26 22.66 8.33
N ARG B 296 -27.44 23.25 8.52
CA ARG B 296 -27.92 24.24 7.58
C ARG B 296 -27.03 25.48 7.57
N GLN B 297 -26.46 25.84 8.71
CA GLN B 297 -25.57 27.00 8.80
C GLN B 297 -24.33 26.87 7.93
N ARG B 298 -24.00 25.67 7.45
CA ARG B 298 -22.78 25.45 6.67
C ARG B 298 -23.08 24.89 5.29
N GLY B 299 -24.30 25.07 4.79
CA GLY B 299 -24.65 24.55 3.49
C GLY B 299 -24.74 23.04 3.43
N LEU B 300 -24.74 22.36 4.58
CA LEU B 300 -24.82 20.91 4.65
C LEU B 300 -26.27 20.46 4.77
N PRO B 301 -26.62 19.33 4.14
CA PRO B 301 -28.00 18.84 4.23
C PRO B 301 -28.35 18.43 5.65
N ASP B 302 -29.50 18.93 6.13
CA ASP B 302 -30.03 18.49 7.42
C ASP B 302 -30.81 17.19 7.29
N ARG B 303 -31.33 16.90 6.11
CA ARG B 303 -31.91 15.60 5.79
C ARG B 303 -33.05 15.22 6.73
N MET C 1 5.49 -14.07 8.31
CA MET C 1 6.58 -13.48 7.55
C MET C 1 6.27 -13.50 6.06
N THR C 2 6.70 -12.46 5.35
CA THR C 2 6.35 -12.27 3.95
C THR C 2 7.17 -13.20 3.06
N TRP C 3 6.48 -13.88 2.13
CA TRP C 3 7.14 -14.72 1.14
C TRP C 3 7.35 -13.92 -0.13
N HIS C 4 8.59 -13.51 -0.37
CA HIS C 4 8.95 -12.79 -1.59
C HIS C 4 9.22 -13.77 -2.71
N ILE C 5 8.53 -13.58 -3.84
CA ILE C 5 8.68 -14.43 -5.02
C ILE C 5 9.38 -13.61 -6.10
N LEU C 6 10.56 -14.07 -6.50
CA LEU C 6 11.38 -13.40 -7.50
C LEU C 6 11.55 -14.30 -8.71
N GLY C 7 11.39 -13.73 -9.89
CA GLY C 7 11.55 -14.47 -11.13
C GLY C 7 10.23 -14.65 -11.86
N ALA C 8 10.34 -15.00 -13.14
CA ALA C 8 9.18 -15.21 -14.00
C ALA C 8 8.84 -16.68 -14.17
N GLY C 9 9.48 -17.57 -13.42
CA GLY C 9 9.26 -18.99 -13.60
C GLY C 9 7.84 -19.41 -13.24
N SER C 10 7.37 -20.46 -13.92
CA SER C 10 6.03 -20.96 -13.67
C SER C 10 5.88 -21.49 -12.25
N LEU C 11 6.93 -22.12 -11.72
CA LEU C 11 6.88 -22.65 -10.37
C LEU C 11 6.69 -21.55 -9.34
N GLY C 12 7.30 -20.37 -9.58
CA GLY C 12 7.10 -19.26 -8.67
C GLY C 12 5.65 -18.85 -8.56
N SER C 13 4.94 -18.84 -9.70
CA SER C 13 3.52 -18.52 -9.68
C SER C 13 2.72 -19.58 -8.93
N LEU C 14 3.05 -20.86 -9.16
CA LEU C 14 2.32 -21.94 -8.51
C LEU C 14 2.54 -21.94 -7.00
N TRP C 15 3.77 -21.66 -6.55
CA TRP C 15 4.02 -21.57 -5.12
C TRP C 15 3.37 -20.33 -4.52
N ALA C 16 3.45 -19.20 -5.20
CA ALA C 16 2.86 -17.97 -4.68
C ALA C 16 1.35 -18.09 -4.54
N ALA C 17 0.70 -18.75 -5.50
CA ALA C 17 -0.75 -18.90 -5.44
C ALA C 17 -1.15 -19.80 -4.26
N ARG C 18 -0.43 -20.89 -4.05
CA ARG C 18 -0.78 -21.81 -2.98
C ARG C 18 -0.48 -21.21 -1.61
N LEU C 19 0.66 -20.52 -1.48
CA LEU C 19 0.97 -19.84 -0.22
C LEU C 19 -0.07 -18.75 0.07
N GLY C 20 -0.48 -18.00 -0.95
CA GLY C 20 -1.41 -16.91 -0.74
C GLY C 20 -2.78 -17.40 -0.28
N ARG C 21 -3.31 -18.42 -0.95
CA ARG C 21 -4.64 -18.91 -0.61
C ARG C 21 -4.68 -19.59 0.75
N ALA C 22 -3.53 -19.92 1.33
CA ALA C 22 -3.45 -20.48 2.67
C ALA C 22 -3.34 -19.42 3.75
N GLY C 23 -3.52 -18.15 3.40
CA GLY C 23 -3.47 -17.07 4.36
C GLY C 23 -2.09 -16.53 4.67
N LEU C 24 -1.09 -16.89 3.88
CA LEU C 24 0.26 -16.42 4.12
C LEU C 24 0.56 -15.20 3.27
N PRO C 25 1.27 -14.21 3.82
CA PRO C 25 1.56 -12.99 3.04
C PRO C 25 2.55 -13.28 1.92
N VAL C 26 2.17 -12.88 0.71
CA VAL C 26 2.97 -13.10 -0.49
C VAL C 26 3.18 -11.77 -1.20
N ARG C 27 4.38 -11.55 -1.71
CA ARG C 27 4.71 -10.34 -2.47
C ARG C 27 5.56 -10.74 -3.68
N LEU C 28 5.10 -10.39 -4.87
CA LEU C 28 5.81 -10.70 -6.10
C LEU C 28 6.82 -9.59 -6.40
N ILE C 29 8.05 -9.99 -6.73
CA ILE C 29 9.09 -9.06 -7.15
C ILE C 29 9.29 -9.25 -8.64
N LEU C 30 8.78 -8.31 -9.43
CA LEU C 30 8.88 -8.40 -10.88
C LEU C 30 10.14 -7.68 -11.36
N ARG C 31 10.48 -7.91 -12.63
CA ARG C 31 11.77 -7.46 -13.15
C ARG C 31 11.88 -5.94 -13.16
N ASP C 32 10.93 -5.26 -13.79
CA ASP C 32 11.03 -3.82 -13.94
C ASP C 32 9.63 -3.22 -13.87
N ARG C 33 9.55 -1.91 -14.12
CA ARG C 33 8.26 -1.21 -14.07
C ARG C 33 7.34 -1.62 -15.22
N GLN C 34 7.92 -1.89 -16.39
CA GLN C 34 7.10 -2.28 -17.54
C GLN C 34 6.40 -3.62 -17.30
N ARG C 35 7.12 -4.60 -16.78
CA ARG C 35 6.48 -5.88 -16.46
C ARG C 35 5.55 -5.75 -15.28
N LEU C 36 5.79 -4.78 -14.39
CA LEU C 36 4.89 -4.55 -13.26
C LEU C 36 3.54 -4.02 -13.74
N ARG C 37 3.55 -3.13 -14.74
CA ARG C 37 2.29 -2.60 -15.25
C ARG C 37 1.51 -3.67 -15.99
N ARG C 38 2.18 -4.44 -16.84
CA ARG C 38 1.49 -5.47 -17.61
C ARG C 38 0.95 -6.57 -16.71
N TYR C 39 1.58 -6.78 -15.55
CA TYR C 39 0.99 -7.68 -14.56
C TYR C 39 -0.27 -7.09 -13.95
N GLN C 40 -0.23 -5.80 -13.62
CA GLN C 40 -1.40 -5.14 -13.06
C GLN C 40 -2.51 -4.97 -14.09
N GLN C 41 -2.14 -4.77 -15.36
CA GLN C 41 -3.15 -4.66 -16.41
C GLN C 41 -3.81 -6.00 -16.70
N ALA C 42 -3.11 -7.11 -16.46
CA ALA C 42 -3.65 -8.44 -16.71
C ALA C 42 -4.50 -8.96 -15.56
N GLY C 43 -4.81 -8.13 -14.57
CA GLY C 43 -5.62 -8.56 -13.46
C GLY C 43 -4.91 -9.42 -12.44
N GLY C 44 -3.61 -9.63 -12.59
CA GLY C 44 -2.85 -10.42 -11.64
C GLY C 44 -2.37 -11.74 -12.22
N LEU C 45 -2.29 -12.76 -11.37
CA LEU C 45 -1.79 -14.07 -11.76
C LEU C 45 -2.95 -14.97 -12.15
N SER C 46 -2.85 -15.59 -13.33
CA SER C 46 -3.87 -16.47 -13.87
C SER C 46 -3.40 -17.91 -13.74
N LEU C 47 -3.97 -18.65 -12.79
CA LEU C 47 -3.62 -20.03 -12.53
C LEU C 47 -4.73 -20.96 -12.99
N VAL C 48 -4.36 -22.05 -13.65
CA VAL C 48 -5.30 -23.02 -14.19
C VAL C 48 -4.98 -24.38 -13.57
N GLU C 49 -5.89 -24.88 -12.74
CA GLU C 49 -5.79 -26.21 -12.15
C GLU C 49 -7.02 -27.01 -12.52
N ASP C 50 -6.81 -28.28 -12.89
CA ASP C 50 -7.89 -29.17 -13.34
C ASP C 50 -8.67 -28.57 -14.51
N GLY C 51 -7.98 -27.86 -15.39
CA GLY C 51 -8.64 -27.22 -16.52
C GLY C 51 -9.50 -26.03 -16.17
N GLN C 52 -9.66 -25.71 -14.89
CA GLN C 52 -10.46 -24.58 -14.44
C GLN C 52 -9.53 -23.43 -14.06
N ALA C 53 -9.73 -22.27 -14.68
CA ALA C 53 -8.86 -21.14 -14.47
C ALA C 53 -9.20 -20.40 -13.17
N SER C 54 -8.28 -19.52 -12.77
CA SER C 54 -8.46 -18.71 -11.58
C SER C 54 -7.60 -17.46 -11.73
N LEU C 55 -7.94 -16.44 -10.94
CA LEU C 55 -7.23 -15.17 -10.97
C LEU C 55 -6.75 -14.84 -9.57
N TYR C 56 -5.44 -14.64 -9.42
CA TYR C 56 -4.82 -14.31 -8.14
C TYR C 56 -4.21 -12.91 -8.23
N PRO C 57 -4.93 -11.87 -7.82
CA PRO C 57 -4.34 -10.52 -7.78
C PRO C 57 -3.40 -10.33 -6.60
N ILE C 58 -2.24 -10.97 -6.67
CA ILE C 58 -1.25 -10.89 -5.60
C ILE C 58 -0.48 -9.58 -5.72
N ALA C 59 -0.19 -8.96 -4.58
CA ALA C 59 0.55 -7.70 -4.57
C ALA C 59 1.96 -7.90 -5.14
N ALA C 60 2.35 -7.00 -6.05
CA ALA C 60 3.63 -7.09 -6.74
C ALA C 60 4.41 -5.79 -6.56
N GLU C 61 5.68 -5.83 -6.92
CA GLU C 61 6.57 -4.67 -6.76
C GLU C 61 7.79 -4.87 -7.67
N THR C 62 8.73 -3.95 -7.57
CA THR C 62 9.99 -3.95 -8.28
C THR C 62 11.14 -4.28 -7.31
N PRO C 63 12.31 -4.66 -7.83
CA PRO C 63 13.42 -5.01 -6.92
C PRO C 63 13.88 -3.83 -6.08
N ASP C 64 13.81 -2.61 -6.60
CA ASP C 64 14.24 -1.43 -5.85
C ASP C 64 13.11 -0.95 -4.96
N GLY C 65 13.41 -0.77 -3.67
CA GLY C 65 12.42 -0.34 -2.71
C GLY C 65 11.60 -1.51 -2.17
N GLY C 66 10.99 -1.27 -1.02
CA GLY C 66 10.22 -2.27 -0.32
C GLY C 66 10.87 -2.67 0.99
N GLN C 67 10.14 -3.49 1.75
CA GLN C 67 10.62 -3.94 3.04
C GLN C 67 11.79 -4.90 2.86
N PRO C 68 12.63 -5.05 3.89
CA PRO C 68 13.72 -6.03 3.80
C PRO C 68 13.19 -7.44 3.61
N ILE C 69 13.94 -8.23 2.84
CA ILE C 69 13.51 -9.57 2.45
C ILE C 69 14.08 -10.57 3.44
N GLN C 70 13.19 -11.35 4.08
CA GLN C 70 13.60 -12.39 5.02
C GLN C 70 13.41 -13.80 4.47
N ARG C 71 12.53 -13.99 3.51
CA ARG C 71 12.26 -15.31 2.93
C ARG C 71 11.99 -15.11 1.45
N LEU C 72 12.94 -15.55 0.62
CA LEU C 72 12.89 -15.31 -0.82
C LEU C 72 12.79 -16.64 -1.56
N LEU C 73 11.92 -16.66 -2.57
CA LEU C 73 11.68 -17.84 -3.41
C LEU C 73 12.03 -17.45 -4.84
N LEU C 74 13.06 -18.07 -5.39
CA LEU C 74 13.58 -17.71 -6.70
C LEU C 74 13.25 -18.79 -7.70
N ALA C 75 12.52 -18.43 -8.76
CA ALA C 75 12.19 -19.35 -9.85
C ALA C 75 12.39 -18.61 -11.16
N CYS C 76 13.44 -18.98 -11.89
CA CYS C 76 13.79 -18.30 -13.13
C CYS C 76 14.72 -19.21 -13.93
N LYS C 77 15.06 -18.77 -15.13
CA LYS C 77 16.05 -19.48 -15.93
C LYS C 77 17.42 -19.44 -15.24
N ALA C 78 18.24 -20.45 -15.54
CA ALA C 78 19.54 -20.57 -14.89
C ALA C 78 20.47 -19.42 -15.22
N TYR C 79 20.28 -18.76 -16.37
CA TYR C 79 21.15 -17.66 -16.77
C TYR C 79 20.73 -16.31 -16.21
N ASP C 80 19.58 -16.24 -15.53
CA ASP C 80 19.12 -15.02 -14.91
C ASP C 80 19.23 -15.05 -13.39
N ALA C 81 19.67 -16.18 -12.81
CA ALA C 81 19.66 -16.32 -11.36
C ALA C 81 20.64 -15.37 -10.69
N GLU C 82 21.84 -15.21 -11.27
CA GLU C 82 22.83 -14.32 -10.65
C GLU C 82 22.39 -12.87 -10.70
N GLU C 83 21.87 -12.42 -11.85
CA GLU C 83 21.40 -11.04 -11.94
C GLU C 83 20.21 -10.80 -11.03
N ALA C 84 19.27 -11.75 -10.98
CA ALA C 84 18.12 -11.60 -10.09
C ALA C 84 18.54 -11.50 -8.64
N ALA C 85 19.51 -12.33 -8.23
CA ALA C 85 20.00 -12.28 -6.86
C ALA C 85 20.65 -10.94 -6.56
N SER C 86 21.37 -10.37 -7.54
CA SER C 86 22.02 -9.09 -7.30
C SER C 86 21.02 -7.95 -7.26
N SER C 87 19.85 -8.10 -7.89
CA SER C 87 18.89 -7.01 -7.93
C SER C 87 18.26 -6.76 -6.56
N VAL C 88 18.21 -7.77 -5.69
CA VAL C 88 17.62 -7.65 -4.37
C VAL C 88 18.65 -7.84 -3.27
N ALA C 89 19.95 -7.80 -3.60
CA ALA C 89 20.98 -8.05 -2.61
C ALA C 89 20.97 -7.00 -1.50
N HIS C 90 20.65 -5.75 -1.84
CA HIS C 90 20.61 -4.68 -0.85
C HIS C 90 19.43 -4.80 0.11
N ARG C 91 18.44 -5.64 -0.20
CA ARG C 91 17.25 -5.77 0.62
C ARG C 91 17.25 -7.02 1.49
N LEU C 92 18.31 -7.84 1.42
CA LEU C 92 18.36 -9.04 2.25
C LEU C 92 18.58 -8.67 3.72
N ALA C 93 17.84 -9.34 4.60
CA ALA C 93 17.75 -8.96 6.00
C ALA C 93 18.84 -9.55 6.88
N GLY C 94 19.65 -10.47 6.37
CA GLY C 94 20.68 -11.08 7.19
C GLY C 94 20.26 -12.45 7.69
N ASN C 95 19.06 -12.53 8.26
CA ASN C 95 18.40 -13.80 8.52
C ASN C 95 17.65 -14.32 7.29
N ALA C 96 17.95 -13.75 6.12
CA ALA C 96 17.26 -14.14 4.89
C ALA C 96 17.60 -15.58 4.51
N GLU C 97 16.56 -16.34 4.15
CA GLU C 97 16.71 -17.69 3.65
C GLU C 97 16.10 -17.75 2.26
N LEU C 98 16.86 -18.28 1.30
CA LEU C 98 16.45 -18.35 -0.09
C LEU C 98 16.14 -19.78 -0.50
N LEU C 99 15.08 -19.96 -1.28
CA LEU C 99 14.71 -21.25 -1.85
C LEU C 99 14.89 -21.17 -3.35
N LEU C 100 15.93 -21.83 -3.86
CA LEU C 100 16.29 -21.75 -5.26
C LEU C 100 15.61 -22.87 -6.04
N LEU C 101 14.76 -22.50 -7.00
CA LEU C 101 14.08 -23.46 -7.85
C LEU C 101 14.67 -23.48 -9.27
N GLN C 102 15.94 -23.09 -9.41
CA GLN C 102 16.58 -23.11 -10.73
C GLN C 102 16.70 -24.53 -11.24
N ASN C 103 16.33 -24.73 -12.50
CA ASN C 103 16.60 -26.00 -13.15
C ASN C 103 18.10 -26.16 -13.35
N GLY C 104 18.66 -27.23 -12.82
CA GLY C 104 20.06 -27.55 -13.03
C GLY C 104 20.96 -27.23 -11.86
N LEU C 105 22.25 -27.11 -12.18
CA LEU C 105 23.28 -26.83 -11.19
C LEU C 105 24.18 -25.71 -11.70
N GLY C 106 25.07 -25.25 -10.83
CA GLY C 106 25.96 -24.15 -11.19
C GLY C 106 25.39 -22.82 -10.78
N SER C 107 24.20 -22.50 -11.32
CA SER C 107 23.52 -21.27 -10.89
C SER C 107 23.13 -21.36 -9.42
N GLN C 108 22.64 -22.52 -8.98
CA GLN C 108 22.36 -22.72 -7.56
C GLN C 108 23.64 -22.53 -6.74
N GLN C 109 24.77 -23.02 -7.26
CA GLN C 109 26.05 -22.71 -6.64
C GLN C 109 26.38 -21.24 -6.77
N ALA C 110 26.09 -20.65 -7.93
CA ALA C 110 26.44 -19.25 -8.17
C ALA C 110 25.68 -18.32 -7.24
N VAL C 111 24.36 -18.51 -7.13
CA VAL C 111 23.57 -17.67 -6.23
C VAL C 111 24.03 -17.86 -4.80
N ALA C 112 24.26 -19.11 -4.38
CA ALA C 112 24.73 -19.37 -3.03
C ALA C 112 26.06 -18.69 -2.76
N ALA C 113 26.95 -18.66 -3.76
CA ALA C 113 28.23 -17.99 -3.65
C ALA C 113 28.15 -16.50 -3.97
N ARG C 114 27.07 -16.05 -4.61
CA ARG C 114 26.84 -14.63 -4.77
C ARG C 114 26.19 -14.03 -3.52
N LEU C 115 25.48 -14.85 -2.74
CA LEU C 115 24.86 -14.44 -1.49
C LEU C 115 25.35 -15.30 -0.33
N PRO C 116 26.65 -15.25 -0.02
CA PRO C 116 27.20 -16.09 1.07
C PRO C 116 27.15 -15.37 2.42
N ARG C 117 25.93 -15.23 2.91
CA ARG C 117 25.60 -14.67 4.21
C ARG C 117 24.13 -14.97 4.44
N SER C 118 23.44 -15.27 3.34
CA SER C 118 22.07 -15.73 3.36
C SER C 118 22.08 -17.24 3.13
N ARG C 119 21.19 -17.94 3.83
CA ARG C 119 21.08 -19.38 3.67
C ARG C 119 20.37 -19.68 2.36
N CYS C 120 21.05 -20.39 1.46
CA CYS C 120 20.49 -20.76 0.16
C CYS C 120 20.19 -22.24 0.18
N LEU C 121 18.91 -22.59 0.13
CA LEU C 121 18.47 -23.97 0.13
C LEU C 121 18.19 -24.41 -1.30
N PHE C 122 18.87 -25.46 -1.73
CA PHE C 122 18.67 -25.99 -3.07
C PHE C 122 17.37 -26.80 -3.12
N ALA C 123 16.81 -26.93 -4.32
CA ALA C 123 15.57 -27.67 -4.48
C ALA C 123 15.53 -28.32 -5.86
N SER C 124 14.79 -29.43 -5.94
CA SER C 124 14.52 -30.13 -7.18
C SER C 124 13.03 -30.43 -7.23
N SER C 125 12.37 -30.00 -8.31
CA SER C 125 10.93 -30.10 -8.43
C SER C 125 10.53 -30.86 -9.68
N THR C 126 9.57 -31.77 -9.54
CA THR C 126 8.98 -32.48 -10.66
C THR C 126 7.54 -32.06 -10.92
N GLU C 127 7.07 -30.99 -10.28
CA GLU C 127 5.72 -30.50 -10.51
C GLU C 127 5.60 -29.93 -11.91
N GLY C 128 4.62 -30.41 -12.67
CA GLY C 128 4.44 -29.98 -14.03
C GLY C 128 3.66 -28.69 -14.16
N ALA C 129 4.37 -27.58 -14.32
CA ALA C 129 3.75 -26.26 -14.49
C ALA C 129 4.47 -25.55 -15.64
N PHE C 130 3.74 -25.31 -16.73
CA PHE C 130 4.29 -24.64 -17.89
C PHE C 130 3.58 -23.30 -18.10
N ARG C 131 4.23 -22.45 -18.88
CA ARG C 131 3.73 -21.09 -19.12
C ARG C 131 2.85 -21.08 -20.36
N ASP C 132 1.69 -20.45 -20.24
CA ASP C 132 0.71 -20.33 -21.32
C ASP C 132 0.36 -18.86 -21.54
N GLY C 133 1.38 -18.03 -21.69
CA GLY C 133 1.26 -16.59 -21.82
C GLY C 133 2.23 -15.89 -20.91
N ASP C 134 2.02 -14.58 -20.74
CA ASP C 134 2.94 -13.81 -19.89
C ASP C 134 2.64 -14.01 -18.41
N PHE C 135 1.37 -14.11 -18.05
CA PHE C 135 0.97 -14.25 -16.64
C PHE C 135 -0.07 -15.35 -16.48
N ARG C 136 0.14 -16.48 -17.17
CA ARG C 136 -0.78 -17.61 -17.13
C ARG C 136 0.01 -18.89 -16.95
N VAL C 137 -0.36 -19.68 -15.95
CA VAL C 137 0.34 -20.92 -15.62
C VAL C 137 -0.69 -22.04 -15.51
N VAL C 138 -0.42 -23.16 -16.18
CA VAL C 138 -1.26 -24.35 -16.13
C VAL C 138 -0.54 -25.40 -15.30
N PHE C 139 -1.27 -26.00 -14.36
CA PHE C 139 -0.71 -27.00 -13.46
C PHE C 139 -1.58 -28.26 -13.52
N ALA C 140 -0.95 -29.39 -13.85
CA ALA C 140 -1.70 -30.64 -13.99
C ALA C 140 -2.17 -31.17 -12.63
N GLY C 141 -1.37 -30.99 -11.61
CA GLY C 141 -1.70 -31.43 -10.27
C GLY C 141 -0.84 -32.55 -9.70
N ARG C 142 0.33 -32.80 -10.27
CA ARG C 142 1.19 -33.87 -9.80
C ARG C 142 2.63 -33.39 -9.72
N GLY C 143 3.45 -34.14 -9.00
CA GLY C 143 4.84 -33.82 -8.81
C GLY C 143 5.21 -33.77 -7.35
N HIS C 144 6.50 -33.56 -7.11
CA HIS C 144 7.04 -33.51 -5.76
C HIS C 144 8.18 -32.51 -5.72
N THR C 145 8.61 -32.15 -4.52
CA THR C 145 9.69 -31.20 -4.33
C THR C 145 10.66 -31.74 -3.28
N TRP C 146 11.94 -31.77 -3.60
CA TRP C 146 12.99 -32.13 -2.67
C TRP C 146 13.76 -30.87 -2.28
N LEU C 147 13.93 -30.64 -0.98
CA LEU C 147 14.68 -29.51 -0.47
C LEU C 147 15.89 -29.99 0.32
N GLY C 148 16.88 -29.13 0.42
CA GLY C 148 18.06 -29.46 1.19
C GLY C 148 19.03 -28.29 1.21
N ASP C 149 19.97 -28.38 2.15
CA ASP C 149 21.06 -27.41 2.29
C ASP C 149 22.37 -28.16 2.53
N PRO C 150 23.30 -28.11 1.59
CA PRO C 150 24.55 -28.86 1.76
C PRO C 150 25.42 -28.38 2.92
N ARG C 151 25.17 -27.19 3.46
CA ARG C 151 25.95 -26.67 4.58
C ARG C 151 25.23 -26.78 5.92
N ASP C 152 23.92 -27.03 5.93
CA ASP C 152 23.17 -27.15 7.17
C ASP C 152 22.04 -28.14 6.94
N THR C 153 22.20 -29.34 7.49
CA THR C 153 21.23 -30.41 7.26
C THR C 153 19.99 -30.30 8.13
N ASN C 154 19.90 -29.30 9.00
CA ASN C 154 18.72 -29.15 9.84
C ASN C 154 17.62 -28.47 9.05
N ALA C 155 16.44 -29.09 9.03
CA ALA C 155 15.33 -28.56 8.24
C ALA C 155 14.78 -27.29 8.88
N PRO C 156 14.46 -26.27 8.08
CA PRO C 156 13.91 -25.04 8.64
C PRO C 156 12.54 -25.26 9.25
N ALA C 157 12.19 -24.37 10.19
CA ALA C 157 10.90 -24.46 10.86
C ALA C 157 9.74 -24.13 9.92
N TRP C 158 9.98 -23.35 8.87
CA TRP C 158 8.91 -22.91 7.99
C TRP C 158 8.50 -23.96 6.97
N LEU C 159 9.08 -25.17 7.01
CA LEU C 159 8.54 -26.25 6.19
C LEU C 159 7.10 -26.58 6.56
N THR C 160 6.69 -26.27 7.80
CA THR C 160 5.30 -26.49 8.20
C THR C 160 4.34 -25.61 7.41
N GLN C 161 4.79 -24.42 6.99
CA GLN C 161 3.94 -23.59 6.14
C GLN C 161 3.75 -24.20 4.76
N LEU C 162 4.74 -24.94 4.26
CA LEU C 162 4.56 -25.68 3.02
C LEU C 162 3.49 -26.75 3.19
N SER C 163 3.50 -27.45 4.32
CA SER C 163 2.45 -28.43 4.60
C SER C 163 1.10 -27.75 4.73
N GLN C 164 1.05 -26.60 5.41
CA GLN C 164 -0.20 -25.85 5.54
C GLN C 164 -0.69 -25.37 4.19
N ALA C 165 0.22 -25.01 3.29
CA ALA C 165 -0.15 -24.57 1.95
C ALA C 165 -0.46 -25.72 1.01
N GLY C 166 -0.29 -26.97 1.45
CA GLY C 166 -0.60 -28.10 0.62
C GLY C 166 0.43 -28.40 -0.45
N ILE C 167 1.69 -28.08 -0.20
CA ILE C 167 2.78 -28.32 -1.14
C ILE C 167 3.53 -29.56 -0.67
N PRO C 168 3.38 -30.71 -1.34
CA PRO C 168 4.12 -31.90 -0.90
C PRO C 168 5.61 -31.71 -1.11
N HIS C 169 6.40 -32.12 -0.11
CA HIS C 169 7.82 -31.87 -0.14
C HIS C 169 8.54 -32.90 0.70
N SER C 170 9.85 -33.03 0.43
CA SER C 170 10.72 -33.91 1.20
C SER C 170 12.03 -33.18 1.47
N TRP C 171 12.51 -33.27 2.71
CA TRP C 171 13.79 -32.69 3.09
C TRP C 171 14.87 -33.74 2.88
N SER C 172 15.70 -33.52 1.85
CA SER C 172 16.75 -34.46 1.48
C SER C 172 18.07 -34.07 2.14
N ASP C 173 18.72 -35.04 2.78
CA ASP C 173 20.02 -34.81 3.39
C ASP C 173 21.14 -34.71 2.37
N ASP C 174 20.93 -35.21 1.15
CA ASP C 174 21.92 -35.11 0.07
C ASP C 174 21.21 -34.59 -1.18
N ILE C 175 20.77 -33.34 -1.12
CA ILE C 175 20.16 -32.70 -2.28
C ILE C 175 21.17 -32.49 -3.39
N LEU C 176 22.47 -32.48 -3.05
CA LEU C 176 23.51 -32.25 -4.05
C LEU C 176 23.64 -33.44 -4.99
N GLU C 177 23.54 -34.66 -4.46
CA GLU C 177 23.55 -35.84 -5.31
C GLU C 177 22.31 -35.89 -6.19
N ARG C 178 21.15 -35.51 -5.63
CA ARG C 178 19.92 -35.54 -6.41
C ARG C 178 20.00 -34.56 -7.57
N LEU C 179 20.59 -33.39 -7.35
CA LEU C 179 20.75 -32.42 -8.45
C LEU C 179 21.77 -32.89 -9.47
N TRP C 180 22.79 -33.65 -9.04
CA TRP C 180 23.75 -34.16 -10.00
C TRP C 180 23.14 -35.22 -10.90
N ARG C 181 22.26 -36.06 -10.34
CA ARG C 181 21.53 -37.02 -11.16
C ARG C 181 20.70 -36.31 -12.22
N LYS C 182 20.01 -35.24 -11.85
CA LYS C 182 19.18 -34.53 -12.83
C LYS C 182 20.04 -33.82 -13.87
N LEU C 183 21.16 -33.24 -13.44
CA LEU C 183 22.09 -32.63 -14.40
C LEU C 183 22.56 -33.66 -15.43
N ALA C 184 23.02 -34.82 -14.95
CA ALA C 184 23.46 -35.86 -15.87
C ALA C 184 22.31 -36.35 -16.75
N LEU C 185 21.12 -36.48 -16.18
CA LEU C 185 19.96 -36.92 -16.95
C LEU C 185 19.61 -35.92 -18.05
N ASN C 186 19.62 -34.63 -17.72
CA ASN C 186 19.26 -33.61 -18.71
C ASN C 186 20.36 -33.43 -19.75
N CYS C 187 21.61 -33.72 -19.40
CA CYS C 187 22.69 -33.67 -20.39
C CYS C 187 22.54 -34.76 -21.43
N ALA C 188 22.06 -35.94 -21.02
CA ALA C 188 21.92 -37.06 -21.94
C ALA C 188 20.72 -36.92 -22.87
N ILE C 189 19.73 -36.11 -22.50
CA ILE C 189 18.45 -36.05 -23.22
C ILE C 189 18.32 -34.75 -24.02
N ASN C 190 18.34 -33.60 -23.33
CA ASN C 190 17.93 -32.34 -23.96
C ASN C 190 18.80 -31.94 -25.14
N PRO C 191 20.14 -31.95 -25.06
CA PRO C 191 20.93 -31.54 -26.24
C PRO C 191 20.60 -32.33 -27.50
N LEU C 192 20.38 -33.65 -27.37
CA LEU C 192 20.11 -34.46 -28.55
C LEU C 192 18.69 -34.24 -29.08
N THR C 193 17.74 -33.86 -28.23
CA THR C 193 16.40 -33.55 -28.74
C THR C 193 16.41 -32.29 -29.59
N VAL C 194 17.33 -31.37 -29.31
CA VAL C 194 17.47 -30.17 -30.14
C VAL C 194 18.16 -30.51 -31.46
N LEU C 195 19.21 -31.32 -31.42
CA LEU C 195 19.94 -31.66 -32.64
C LEU C 195 19.10 -32.51 -33.56
N HIS C 196 18.30 -33.41 -33.00
CA HIS C 196 17.45 -34.29 -33.80
C HIS C 196 16.07 -33.71 -34.05
N ASP C 197 15.71 -32.60 -33.41
CA ASP C 197 14.44 -31.91 -33.63
C ASP C 197 13.27 -32.86 -33.45
N CYS C 198 13.12 -33.35 -32.23
CA CYS C 198 12.13 -34.39 -31.95
C CYS C 198 11.77 -34.36 -30.47
N ARG C 199 10.65 -35.00 -30.16
CA ARG C 199 10.28 -35.24 -28.77
C ARG C 199 11.21 -36.27 -28.16
N ASN C 200 11.15 -36.40 -26.83
CA ASN C 200 12.11 -37.25 -26.12
C ASN C 200 12.08 -38.69 -26.63
N GLY C 201 10.91 -39.19 -27.05
CA GLY C 201 10.83 -40.53 -27.59
C GLY C 201 11.62 -40.72 -28.86
N GLY C 202 11.87 -39.64 -29.62
CA GLY C 202 12.65 -39.74 -30.84
C GLY C 202 14.09 -40.16 -30.62
N LEU C 203 14.58 -40.11 -29.38
CA LEU C 203 15.94 -40.55 -29.10
C LEU C 203 16.11 -42.05 -29.18
N ARG C 204 15.00 -42.81 -29.28
CA ARG C 204 15.12 -44.26 -29.47
C ARG C 204 15.77 -44.60 -30.79
N GLN C 205 15.65 -43.71 -31.79
CA GLN C 205 16.29 -43.91 -33.08
C GLN C 205 17.81 -43.86 -33.00
N HIS C 206 18.38 -43.40 -31.89
CA HIS C 206 19.83 -43.28 -31.73
C HIS C 206 20.24 -43.85 -30.37
N PRO C 207 20.14 -45.17 -30.21
CA PRO C 207 20.47 -45.77 -28.90
C PRO C 207 21.96 -45.78 -28.60
N GLU C 208 22.82 -45.72 -29.62
CA GLU C 208 24.26 -45.75 -29.39
C GLU C 208 24.79 -44.39 -28.99
N GLU C 209 24.17 -43.30 -29.46
CA GLU C 209 24.55 -41.98 -28.97
C GLU C 209 24.18 -41.83 -27.50
N ILE C 210 23.03 -42.35 -27.09
CA ILE C 210 22.61 -42.27 -25.69
C ILE C 210 23.53 -43.12 -24.83
N ALA C 211 23.76 -44.38 -25.23
CA ALA C 211 24.60 -45.27 -24.45
C ALA C 211 26.02 -44.76 -24.34
N ALA C 212 26.52 -44.07 -25.37
CA ALA C 212 27.87 -43.51 -25.32
C ALA C 212 27.96 -42.35 -24.35
N LEU C 213 26.89 -41.54 -24.24
CA LEU C 213 26.94 -40.38 -23.34
C LEU C 213 26.81 -40.81 -21.88
N CYS C 214 25.96 -41.80 -21.60
CA CYS C 214 25.78 -42.25 -20.23
C CYS C 214 27.04 -42.89 -19.69
N ASP C 215 27.79 -43.61 -20.53
CA ASP C 215 29.07 -44.15 -20.10
C ASP C 215 30.05 -43.04 -19.74
N GLU C 216 30.00 -41.93 -20.49
CA GLU C 216 30.90 -40.81 -20.25
C GLU C 216 30.41 -39.95 -19.09
N LEU C 217 29.10 -39.69 -19.02
CA LEU C 217 28.54 -38.98 -17.88
C LEU C 217 28.66 -39.79 -16.60
N GLY C 218 28.69 -41.12 -16.73
CA GLY C 218 28.92 -41.96 -15.56
C GLY C 218 30.30 -41.75 -14.97
N GLN C 219 31.31 -41.56 -15.83
CA GLN C 219 32.64 -41.23 -15.33
C GLN C 219 32.61 -39.91 -14.56
N LEU C 220 31.86 -38.93 -15.06
CA LEU C 220 31.78 -37.64 -14.38
C LEU C 220 31.01 -37.76 -13.07
N LEU C 221 29.98 -38.60 -13.03
CA LEU C 221 29.23 -38.80 -11.79
C LEU C 221 30.08 -39.53 -10.75
N HIS C 222 30.74 -40.62 -11.16
CA HIS C 222 31.55 -41.38 -10.22
C HIS C 222 32.73 -40.57 -9.71
N ALA C 223 33.38 -39.82 -10.60
CA ALA C 223 34.50 -38.97 -10.18
C ALA C 223 34.07 -37.81 -9.29
N SER C 224 32.76 -37.57 -9.15
CA SER C 224 32.25 -36.55 -8.25
C SER C 224 31.74 -37.14 -6.94
N GLY C 225 31.92 -38.44 -6.72
CA GLY C 225 31.54 -39.08 -5.49
C GLY C 225 30.19 -39.76 -5.47
N TYR C 226 29.57 -39.98 -6.63
CA TYR C 226 28.23 -40.56 -6.72
C TYR C 226 28.35 -41.88 -7.47
N ASP C 227 28.64 -42.95 -6.70
CA ASP C 227 28.92 -44.25 -7.30
C ASP C 227 27.66 -44.88 -7.89
N ALA C 228 26.61 -45.01 -7.07
CA ALA C 228 25.40 -45.69 -7.53
C ALA C 228 24.71 -44.92 -8.64
N ALA C 229 24.82 -43.58 -8.63
CA ALA C 229 24.19 -42.78 -9.68
C ALA C 229 24.80 -43.08 -11.04
N ALA C 230 26.13 -43.22 -11.10
CA ALA C 230 26.79 -43.54 -12.36
C ALA C 230 26.44 -44.94 -12.85
N ARG C 231 26.14 -45.85 -11.93
CA ARG C 231 25.78 -47.21 -12.32
C ARG C 231 24.42 -47.24 -13.01
N SER C 232 23.39 -46.70 -12.36
CA SER C 232 22.03 -46.75 -12.86
C SER C 232 21.72 -45.65 -13.87
N LEU C 233 22.72 -44.86 -14.29
CA LEU C 233 22.45 -43.71 -15.15
C LEU C 233 21.81 -44.14 -16.46
N LEU C 234 22.42 -45.09 -17.18
CA LEU C 234 21.89 -45.52 -18.47
C LEU C 234 20.48 -46.06 -18.34
N GLU C 235 20.22 -46.86 -17.31
CA GLU C 235 18.87 -47.39 -17.12
C GLU C 235 17.89 -46.30 -16.69
N ASP C 236 18.37 -45.27 -16.00
CA ASP C 236 17.49 -44.18 -15.61
C ASP C 236 17.19 -43.24 -16.77
N VAL C 237 18.13 -43.08 -17.70
CA VAL C 237 17.90 -42.24 -18.86
C VAL C 237 16.87 -42.86 -19.79
N ARG C 238 17.02 -44.16 -20.09
CA ARG C 238 16.07 -44.84 -20.95
C ARG C 238 14.68 -44.91 -20.33
N ALA C 239 14.60 -45.01 -19.00
CA ALA C 239 13.29 -45.05 -18.34
C ALA C 239 12.59 -43.70 -18.46
N VAL C 240 13.34 -42.61 -18.33
CA VAL C 240 12.74 -41.28 -18.44
C VAL C 240 12.36 -40.99 -19.90
N ILE C 241 13.16 -41.48 -20.85
CA ILE C 241 12.84 -41.28 -22.26
C ILE C 241 11.52 -41.95 -22.60
N ASP C 242 11.31 -43.18 -22.12
CA ASP C 242 10.03 -43.84 -22.32
C ASP C 242 8.90 -43.12 -21.59
N ALA C 243 9.18 -42.54 -20.42
CA ALA C 243 8.13 -41.91 -19.63
C ALA C 243 7.69 -40.59 -20.24
N THR C 244 8.60 -39.85 -20.87
CA THR C 244 8.30 -38.56 -21.48
C THR C 244 8.42 -38.61 -23.00
N ALA C 245 8.10 -39.75 -23.60
CA ALA C 245 8.34 -39.97 -25.03
C ALA C 245 7.56 -38.98 -25.89
N ALA C 246 6.41 -38.51 -25.42
CA ALA C 246 5.55 -37.63 -26.20
C ALA C 246 5.74 -36.16 -25.86
N ASN C 247 6.78 -35.83 -25.10
CA ASN C 247 7.01 -34.46 -24.65
C ASN C 247 8.24 -33.87 -25.33
N TYR C 248 8.16 -32.58 -25.66
CA TYR C 248 9.33 -31.83 -26.07
C TYR C 248 10.07 -31.35 -24.82
N SER C 249 11.40 -31.53 -24.83
CA SER C 249 12.21 -31.10 -23.70
C SER C 249 12.12 -29.59 -23.51
N SER C 250 12.50 -29.14 -22.32
CA SER C 250 12.52 -27.70 -22.05
C SER C 250 13.49 -26.97 -22.97
N MET C 251 14.62 -27.61 -23.32
CA MET C 251 15.57 -26.96 -24.22
C MET C 251 15.02 -26.86 -25.63
N HIS C 252 14.29 -27.88 -26.08
CA HIS C 252 13.68 -27.83 -27.41
C HIS C 252 12.63 -26.74 -27.49
N GLN C 253 11.85 -26.54 -26.43
CA GLN C 253 10.85 -25.49 -26.43
C GLN C 253 11.49 -24.10 -26.41
N ASP C 254 12.69 -23.98 -25.83
CA ASP C 254 13.40 -22.71 -25.90
C ASP C 254 13.83 -22.40 -27.32
N VAL C 255 14.36 -23.40 -28.04
CA VAL C 255 14.83 -23.18 -29.40
C VAL C 255 13.66 -22.87 -30.33
N THR C 256 12.54 -23.57 -30.15
CA THR C 256 11.36 -23.29 -30.98
C THR C 256 10.81 -21.90 -30.71
N ARG C 257 10.80 -21.48 -29.45
CA ARG C 257 10.33 -20.15 -29.08
C ARG C 257 11.40 -19.07 -29.25
N GLY C 258 12.57 -19.41 -29.77
CA GLY C 258 13.60 -18.43 -30.00
C GLY C 258 14.19 -17.81 -28.75
N ARG C 259 14.06 -18.46 -27.60
CA ARG C 259 14.57 -17.94 -26.35
C ARG C 259 15.98 -18.49 -26.08
N ARG C 260 16.62 -17.92 -25.07
CA ARG C 260 17.94 -18.41 -24.67
C ARG C 260 17.83 -19.84 -24.15
N THR C 261 18.84 -20.64 -24.45
CA THR C 261 18.74 -22.09 -24.37
C THR C 261 19.24 -22.69 -23.06
N GLU C 262 19.78 -21.89 -22.15
CA GLU C 262 20.17 -22.37 -20.83
C GLU C 262 21.27 -23.44 -20.90
N ILE C 263 22.09 -23.39 -21.96
CA ILE C 263 23.10 -24.44 -22.16
C ILE C 263 24.31 -24.29 -21.25
N GLY C 264 24.58 -23.09 -20.76
CA GLY C 264 25.79 -22.88 -19.97
C GLY C 264 25.81 -23.68 -18.68
N TYR C 265 24.69 -23.68 -17.94
CA TYR C 265 24.61 -24.32 -16.65
C TYR C 265 24.22 -25.79 -16.74
N LEU C 266 24.17 -26.35 -17.95
CA LEU C 266 23.87 -27.76 -18.11
C LEU C 266 25.05 -28.49 -18.73
N LEU C 267 25.17 -28.43 -20.06
CA LEU C 267 26.27 -29.10 -20.74
C LEU C 267 27.58 -28.36 -20.58
N GLY C 268 27.55 -27.03 -20.49
CA GLY C 268 28.77 -26.28 -20.26
C GLY C 268 29.31 -26.47 -18.85
N TYR C 269 28.42 -26.55 -17.87
CA TYR C 269 28.85 -26.80 -16.50
C TYR C 269 29.43 -28.20 -16.35
N ALA C 270 28.81 -29.20 -16.98
CA ALA C 270 29.30 -30.57 -16.85
C ALA C 270 30.62 -30.76 -17.57
N CYS C 271 30.78 -30.13 -18.74
CA CYS C 271 32.03 -30.24 -19.48
C CYS C 271 33.16 -29.51 -18.75
N GLN C 272 32.86 -28.34 -18.18
CA GLN C 272 33.89 -27.61 -17.44
C GLN C 272 34.21 -28.31 -16.13
N HIS C 273 33.21 -28.86 -15.45
CA HIS C 273 33.46 -29.53 -14.18
C HIS C 273 34.31 -30.79 -14.38
N GLY C 274 34.27 -31.38 -15.57
CA GLY C 274 35.10 -32.54 -15.84
C GLY C 274 36.58 -32.19 -15.90
N GLN C 275 36.93 -31.18 -16.69
CA GLN C 275 38.33 -30.82 -16.84
C GLN C 275 38.89 -30.21 -15.56
N ARG C 276 38.04 -29.62 -14.72
CA ARG C 276 38.50 -29.15 -13.41
C ARG C 276 38.98 -30.33 -12.56
N LEU C 277 38.31 -31.48 -12.67
CA LEU C 277 38.78 -32.71 -12.05
C LEU C 277 39.97 -33.31 -12.78
N GLY C 278 40.48 -32.64 -13.81
CA GLY C 278 41.50 -33.24 -14.65
C GLY C 278 40.99 -34.31 -15.59
N LEU C 279 39.66 -34.45 -15.71
CA LEU C 279 39.07 -35.51 -16.53
C LEU C 279 38.57 -34.91 -17.83
N PRO C 280 39.16 -35.25 -18.96
CA PRO C 280 38.59 -34.83 -20.25
C PRO C 280 37.45 -35.75 -20.67
N LEU C 281 36.43 -35.16 -21.30
CA LEU C 281 35.25 -35.90 -21.73
C LEU C 281 35.13 -35.81 -23.25
N PRO C 282 35.27 -36.91 -23.98
CA PRO C 282 35.25 -36.84 -25.46
C PRO C 282 33.89 -36.48 -26.03
N ARG C 283 32.91 -37.38 -25.87
CA ARG C 283 31.62 -37.21 -26.52
C ARG C 283 30.87 -36.00 -25.99
N LEU C 284 30.94 -35.75 -24.67
CA LEU C 284 30.27 -34.58 -24.12
C LEU C 284 30.80 -33.29 -24.73
N GLY C 285 32.11 -33.17 -24.87
CA GLY C 285 32.66 -32.04 -25.60
C GLY C 285 32.26 -32.03 -27.05
N THR C 286 32.10 -33.22 -27.65
CA THR C 286 31.63 -33.35 -29.02
C THR C 286 30.12 -33.17 -29.12
N LEU C 287 29.38 -33.47 -28.04
CA LEU C 287 27.95 -33.21 -28.02
C LEU C 287 27.66 -31.73 -27.81
N LEU C 288 28.25 -31.13 -26.77
CA LEU C 288 28.20 -29.68 -26.61
C LEU C 288 28.70 -28.97 -27.87
N ALA C 289 29.59 -29.62 -28.60
CA ALA C 289 30.17 -29.06 -29.80
C ALA C 289 29.10 -28.78 -30.85
N ARG C 290 28.36 -29.81 -31.26
CA ARG C 290 27.33 -29.62 -32.28
C ARG C 290 26.23 -28.69 -31.78
N LEU C 291 25.85 -28.81 -30.51
CA LEU C 291 24.74 -28.01 -29.98
C LEU C 291 25.02 -26.52 -30.09
N GLN C 292 26.27 -26.12 -29.85
CA GLN C 292 26.61 -24.70 -29.98
C GLN C 292 26.55 -24.25 -31.43
N ALA C 293 27.00 -25.12 -32.35
CA ALA C 293 26.91 -24.80 -33.78
C ALA C 293 25.46 -24.76 -34.23
N HIS C 294 24.65 -25.71 -33.75
CA HIS C 294 23.24 -25.75 -34.10
C HIS C 294 22.54 -24.43 -33.75
N LEU C 295 22.75 -23.96 -32.52
CA LEU C 295 22.19 -22.67 -32.11
C LEU C 295 22.84 -21.52 -32.85
N ARG C 296 24.10 -21.67 -33.25
CA ARG C 296 24.82 -20.60 -33.92
C ARG C 296 24.24 -20.33 -35.31
N GLN C 297 23.95 -21.39 -36.06
CA GLN C 297 23.44 -21.25 -37.41
C GLN C 297 22.03 -20.68 -37.47
N ARG C 298 21.31 -20.64 -36.36
CA ARG C 298 19.93 -20.17 -36.33
C ARG C 298 19.79 -18.84 -35.60
N GLY C 299 20.88 -18.08 -35.47
CA GLY C 299 20.81 -16.77 -34.86
C GLY C 299 20.36 -16.79 -33.41
N LEU C 300 20.66 -17.86 -32.69
CA LEU C 300 20.26 -18.01 -31.30
C LEU C 300 21.49 -17.96 -30.39
N PRO C 301 21.33 -17.46 -29.16
CA PRO C 301 22.48 -17.39 -28.24
C PRO C 301 23.02 -18.77 -27.94
N ASP C 302 24.32 -18.94 -28.17
CA ASP C 302 25.01 -20.20 -27.94
C ASP C 302 25.50 -20.35 -26.50
N ARG C 303 24.93 -19.59 -25.58
CA ARG C 303 25.28 -19.69 -24.16
C ARG C 303 24.05 -19.58 -23.28
S SO4 D . -13.06 40.70 -6.47
O1 SO4 D . -14.47 41.12 -6.58
O2 SO4 D . -12.25 41.53 -7.37
O3 SO4 D . -12.95 39.30 -6.86
O4 SO4 D . -12.61 40.87 -5.10
S SO4 E . -11.21 28.68 10.70
O1 SO4 E . -11.31 29.09 9.30
O2 SO4 E . -9.98 27.91 10.89
O3 SO4 E . -11.18 29.87 11.54
O4 SO4 E . -12.36 27.87 11.06
C1 GOL F . 23.59 16.70 -10.74
O1 GOL F . 23.18 15.43 -11.11
C2 GOL F . 23.80 17.51 -12.04
O2 GOL F . 22.64 17.64 -12.76
C3 GOL F . 24.36 18.87 -11.58
O3 GOL F . 24.55 19.64 -12.73
S SO4 G . -39.24 3.72 11.66
O1 SO4 G . -38.55 2.92 10.66
O2 SO4 G . -40.21 4.60 11.01
O3 SO4 G . -39.94 2.84 12.59
O4 SO4 G . -38.26 4.54 12.38
S SO4 H . -17.88 21.88 13.68
O1 SO4 H . -17.20 20.96 12.77
O2 SO4 H . -19.07 22.42 13.03
O3 SO4 H . -18.28 21.16 14.89
O4 SO4 H . -16.97 22.97 14.03
#